data_3I8V
#
_entry.id   3I8V
#
_cell.length_a   105.406
_cell.length_b   105.406
_cell.length_c   165.252
_cell.angle_alpha   90.00
_cell.angle_beta   90.00
_cell.angle_gamma   90.00
#
_symmetry.space_group_name_H-M   'P 41 21 2'
#
loop_
_entity.id
_entity.type
_entity.pdbx_description
1 polymer "cAMP-specific 3',5'-cyclic phosphodiesterase 4A"
2 non-polymer 'ZINC ION'
3 non-polymer 'MAGNESIUM ION'
4 non-polymer (4R)-4-(3-butoxy-4-methoxybenzyl)imidazolidin-2-one
5 non-polymer GLYCEROL
6 non-polymer 'COBALT (II) ION'
7 water water
#
_entity_poly.entity_id   1
_entity_poly.type   'polypeptide(L)'
_entity_poly.pdbx_seq_one_letter_code
;MGSSHHHHHHSSGLVPRGSHMNIPRFGVKTDQEELLAQELENLNKWGLNIF(CSS)VSDYAGGRSLTCIMYMIFQERDLL
KKFRIPVDTMVTYMLTLEDHYHADVAYHNSLHAADVLQSTHVLLATPALDAVFTDLEILAALFAAAIHDVDHPGVSNQFL
INTNSELALMYNDESVLENHHLAVGFKLLQEDNCDIFQNLSKRQRQSLRKMVIDMVLATDMSKHMTLLADLKTMVETKKV
TSSGVLLLDNYSDRIQVLRNMVHCADLSNPTKPLELYRQWTDRIMAEFFQQGDRERERGMEISPMCDKHTASVEKSQVGF
IDYIVHPLWETWADLVHPDAQEILDTLEDNRDWYYSAI
;
_entity_poly.pdbx_strand_id   A,B
#
# COMPACT_ATOMS: atom_id res chain seq x y z
N HIS A 20 12.26 11.31 24.20
CA HIS A 20 10.87 10.77 24.19
C HIS A 20 10.84 9.24 24.07
N MET A 21 11.50 8.69 23.05
CA MET A 21 11.70 7.24 22.99
C MET A 21 13.19 6.90 23.15
N ASN A 22 13.50 5.65 23.46
CA ASN A 22 14.90 5.26 23.60
C ASN A 22 15.47 4.88 22.25
N ILE A 23 16.39 5.72 21.77
CA ILE A 23 17.06 5.57 20.47
C ILE A 23 18.05 4.41 20.46
N PRO A 24 17.78 3.36 19.66
CA PRO A 24 18.77 2.29 19.55
C PRO A 24 20.10 2.77 18.95
N ARG A 25 21.17 2.02 19.22
CA ARG A 25 22.53 2.35 18.78
C ARG A 25 22.60 2.72 17.30
N PHE A 26 22.01 1.88 16.44
CA PHE A 26 21.98 2.17 15.01
C PHE A 26 20.64 2.76 14.50
N GLY A 27 19.86 3.38 15.39
CA GLY A 27 18.58 4.00 15.03
C GLY A 27 17.35 3.08 15.07
N VAL A 28 17.59 1.77 14.96
CA VAL A 28 16.52 0.80 14.83
C VAL A 28 16.80 -0.38 15.71
N LYS A 29 15.73 -1.08 16.12
CA LYS A 29 15.83 -2.31 16.87
C LYS A 29 16.50 -3.42 16.06
N THR A 30 17.39 -4.18 16.71
CA THR A 30 18.12 -5.27 16.05
C THR A 30 18.51 -6.39 17.01
N ASP A 31 18.28 -7.64 16.58
CA ASP A 31 18.76 -8.81 17.33
C ASP A 31 20.04 -9.37 16.72
N GLN A 32 20.63 -8.59 15.81
CA GLN A 32 21.84 -8.99 15.10
C GLN A 32 22.77 -7.78 15.05
N GLU A 33 22.92 -7.15 16.21
CA GLU A 33 23.64 -5.89 16.35
C GLU A 33 25.10 -5.91 15.87
N GLU A 34 25.80 -7.01 16.14
CA GLU A 34 27.21 -7.11 15.75
C GLU A 34 27.36 -7.31 14.25
N LEU A 35 26.47 -8.12 13.67
CA LEU A 35 26.47 -8.31 12.23
C LEU A 35 26.11 -7.02 11.50
N LEU A 36 25.21 -6.23 12.12
CA LEU A 36 24.82 -4.95 11.57
C LEU A 36 25.97 -3.95 11.66
N ALA A 37 26.67 -3.95 12.80
CA ALA A 37 27.82 -3.07 13.03
C ALA A 37 28.92 -3.29 11.99
N GLN A 38 29.12 -4.56 11.60
CA GLN A 38 30.15 -4.92 10.64
C GLN A 38 29.81 -4.34 9.26
N GLU A 39 28.59 -4.59 8.79
CA GLU A 39 28.13 -3.98 7.54
C GLU A 39 28.21 -2.47 7.54
N LEU A 40 27.88 -1.85 8.67
CA LEU A 40 27.86 -0.37 8.77
C LEU A 40 29.25 0.27 8.69
N GLU A 41 30.29 -0.53 8.89
CA GLU A 41 31.66 -0.04 8.69
C GLU A 41 31.86 0.44 7.24
N ASN A 42 31.10 -0.16 6.31
CA ASN A 42 31.07 0.27 4.90
C ASN A 42 30.14 1.45 4.53
N LEU A 43 29.57 2.12 5.53
CA LEU A 43 28.63 3.24 5.33
C LEU A 43 29.05 4.21 4.23
N ASN A 44 30.34 4.57 4.23
CA ASN A 44 30.88 5.60 3.36
C ASN A 44 31.44 5.04 2.06
N LYS A 45 31.10 3.80 1.71
CA LYS A 45 31.68 3.11 0.56
C LYS A 45 30.64 2.61 -0.44
N TRP A 46 31.02 2.58 -1.71
CA TRP A 46 30.19 2.03 -2.77
C TRP A 46 29.85 0.55 -2.56
N GLY A 47 30.77 -0.19 -1.93
CA GLY A 47 30.61 -1.63 -1.68
C GLY A 47 29.75 -2.07 -0.51
N LEU A 48 29.17 -1.10 0.21
CA LEU A 48 28.15 -1.41 1.22
C LEU A 48 27.09 -2.33 0.62
N ASN A 49 26.72 -3.37 1.36
CA ASN A 49 25.62 -4.26 0.96
C ASN A 49 24.35 -3.94 1.76
N ILE A 50 23.46 -3.16 1.14
CA ILE A 50 22.20 -2.72 1.75
C ILE A 50 21.25 -3.89 2.03
N PHE A 51 21.38 -4.98 1.26
CA PHE A 51 20.51 -6.15 1.47
C PHE A 51 20.83 -6.76 2.84
N VAL A 53 22.31 -4.98 5.40
CA VAL A 53 21.81 -3.99 6.34
C VAL A 53 20.33 -4.26 6.62
N SER A 54 19.53 -4.38 5.57
CA SER A 54 18.13 -4.73 5.73
C SER A 54 17.88 -5.98 6.59
N ASP A 55 18.56 -7.08 6.28
CA ASP A 55 18.41 -8.32 7.06
C ASP A 55 18.73 -8.09 8.54
N TYR A 56 19.76 -7.31 8.82
CA TYR A 56 20.28 -7.16 10.18
C TYR A 56 19.59 -6.04 10.94
N ALA A 57 18.80 -5.24 10.23
CA ALA A 57 18.04 -4.14 10.84
C ALA A 57 16.52 -4.41 10.85
N GLY A 58 16.15 -5.69 10.80
CA GLY A 58 14.75 -6.09 10.79
C GLY A 58 13.88 -5.49 9.69
N GLY A 59 14.47 -5.24 8.52
CA GLY A 59 13.74 -4.64 7.38
C GLY A 59 13.68 -3.12 7.39
N ARG A 60 14.30 -2.50 8.39
CA ARG A 60 14.29 -1.05 8.50
C ARG A 60 15.55 -0.44 7.90
N SER A 61 15.86 -0.82 6.66
CA SER A 61 17.05 -0.30 5.97
C SER A 61 17.03 1.23 5.84
N LEU A 62 15.88 1.82 5.48
CA LEU A 62 15.86 3.26 5.25
C LEU A 62 16.06 4.05 6.55
N THR A 63 15.34 3.66 7.59
CA THR A 63 15.49 4.31 8.90
C THR A 63 16.92 4.13 9.42
N CYS A 64 17.45 2.90 9.36
CA CYS A 64 18.84 2.66 9.79
C CYS A 64 19.89 3.51 9.07
N ILE A 65 19.95 3.38 7.74
CA ILE A 65 20.96 4.05 6.94
C ILE A 65 20.84 5.58 7.05
N MET A 66 19.61 6.08 7.03
CA MET A 66 19.42 7.53 7.14
C MET A 66 19.88 8.05 8.51
N TYR A 67 19.52 7.35 9.57
CA TYR A 67 20.02 7.70 10.90
C TYR A 67 21.55 7.75 10.89
N MET A 68 22.17 6.69 10.39
CA MET A 68 23.64 6.58 10.40
C MET A 68 24.32 7.67 9.58
N ILE A 69 23.73 8.01 8.44
CA ILE A 69 24.28 9.07 7.59
C ILE A 69 24.17 10.42 8.26
N PHE A 70 23.04 10.66 8.93
CA PHE A 70 22.84 11.96 9.58
C PHE A 70 23.78 12.15 10.78
N GLN A 71 24.05 11.06 11.51
CA GLN A 71 25.08 11.08 12.56
C GLN A 71 26.48 11.27 11.96
N GLU A 72 26.78 10.47 10.93
CA GLU A 72 28.06 10.52 10.23
C GLU A 72 28.40 11.93 9.78
N ARG A 73 27.41 12.67 9.28
CA ARG A 73 27.68 14.03 8.82
C ARG A 73 27.35 15.07 9.86
N ASP A 74 26.99 14.61 11.06
CA ASP A 74 26.66 15.50 12.17
C ASP A 74 25.51 16.48 11.83
N LEU A 75 24.59 16.03 10.97
CA LEU A 75 23.48 16.91 10.51
C LEU A 75 22.41 17.23 11.57
N LEU A 76 22.23 16.36 12.56
CA LEU A 76 21.29 16.66 13.67
C LEU A 76 21.72 17.90 14.46
N LYS A 77 23.01 17.98 14.78
CA LYS A 77 23.56 19.15 15.48
C LYS A 77 23.61 20.38 14.59
N LYS A 78 24.02 20.19 13.34
CA LYS A 78 24.15 21.33 12.42
C LYS A 78 22.82 22.06 12.17
N PHE A 79 21.71 21.32 12.24
CA PHE A 79 20.43 21.93 11.96
C PHE A 79 19.47 21.80 13.13
N ARG A 80 20.00 21.41 14.29
CA ARG A 80 19.22 21.39 15.54
C ARG A 80 17.95 20.51 15.40
N ILE A 81 18.16 19.29 14.91
CA ILE A 81 17.09 18.35 14.65
C ILE A 81 17.01 17.40 15.82
N PRO A 82 15.91 17.44 16.59
CA PRO A 82 15.82 16.50 17.71
C PRO A 82 15.88 15.06 17.21
N VAL A 83 16.68 14.21 17.85
CA VAL A 83 16.85 12.81 17.40
C VAL A 83 15.52 12.08 17.34
N ASP A 84 14.70 12.22 18.39
CA ASP A 84 13.40 11.53 18.43
C ASP A 84 12.53 11.97 17.24
N THR A 85 12.56 13.25 16.88
CA THR A 85 11.86 13.78 15.71
C THR A 85 12.40 13.18 14.40
N MET A 86 13.72 13.05 14.31
CA MET A 86 14.32 12.47 13.11
C MET A 86 13.85 11.03 12.94
N VAL A 87 13.99 10.25 14.01
CA VAL A 87 13.60 8.86 14.01
C VAL A 87 12.12 8.69 13.70
N THR A 88 11.24 9.48 14.33
CA THR A 88 9.80 9.35 14.09
C THR A 88 9.50 9.61 12.61
N TYR A 89 10.05 10.70 12.07
CA TYR A 89 9.88 10.97 10.66
C TYR A 89 10.39 9.81 9.78
N MET A 90 11.57 9.27 10.10
CA MET A 90 12.17 8.29 9.22
C MET A 90 11.33 7.03 9.16
N LEU A 91 10.87 6.57 10.33
CA LEU A 91 9.99 5.42 10.46
C LEU A 91 8.66 5.65 9.74
N THR A 92 8.14 6.86 9.84
CA THR A 92 6.92 7.24 9.14
C THR A 92 7.12 7.21 7.63
N LEU A 93 8.24 7.78 7.17
CA LEU A 93 8.57 7.78 5.75
C LEU A 93 8.71 6.33 5.22
N GLU A 94 9.48 5.51 5.93
CA GLU A 94 9.76 4.15 5.51
C GLU A 94 8.47 3.30 5.47
N ASP A 95 7.58 3.54 6.42
CA ASP A 95 6.28 2.86 6.44
C ASP A 95 5.36 3.30 5.27
N HIS A 96 5.68 4.41 4.62
CA HIS A 96 4.91 4.84 3.45
C HIS A 96 5.48 4.31 2.15
N TYR A 97 6.57 3.53 2.23
CA TYR A 97 6.99 2.69 1.12
C TYR A 97 6.26 1.36 1.27
N HIS A 98 5.76 0.84 0.15
CA HIS A 98 4.96 -0.39 0.16
C HIS A 98 5.88 -1.61 0.18
N ALA A 99 5.61 -2.55 1.08
CA ALA A 99 6.39 -3.80 1.17
C ALA A 99 6.11 -4.80 0.05
N ASP A 100 4.91 -4.80 -0.51
CA ASP A 100 4.51 -5.75 -1.56
C ASP A 100 4.87 -5.26 -2.98
N VAL A 101 5.67 -4.20 -3.08
CA VAL A 101 6.16 -3.70 -4.36
C VAL A 101 7.58 -4.22 -4.45
N ALA A 102 7.90 -4.95 -5.52
CA ALA A 102 9.15 -5.76 -5.56
C ALA A 102 10.44 -4.94 -5.61
N TYR A 103 10.38 -3.80 -6.28
CA TYR A 103 11.58 -2.97 -6.44
C TYR A 103 11.48 -1.64 -5.70
N HIS A 104 10.42 -0.88 -5.96
CA HIS A 104 10.28 0.46 -5.32
C HIS A 104 9.73 0.38 -3.90
N ASN A 105 10.46 -0.31 -3.04
CA ASN A 105 10.14 -0.36 -1.62
C ASN A 105 11.22 0.42 -0.87
N SER A 106 11.17 0.44 0.45
CA SER A 106 12.14 1.27 1.18
C SER A 106 13.61 0.84 0.97
N LEU A 107 13.84 -0.43 0.59
CA LEU A 107 15.21 -0.89 0.32
C LEU A 107 15.82 -0.09 -0.83
N HIS A 108 15.03 0.16 -1.87
CA HIS A 108 15.48 1.00 -2.98
C HIS A 108 15.79 2.44 -2.53
N ALA A 109 14.93 3.00 -1.67
CA ALA A 109 15.20 4.35 -1.13
C ALA A 109 16.48 4.37 -0.30
N ALA A 110 16.63 3.39 0.58
CA ALA A 110 17.84 3.26 1.39
C ALA A 110 19.08 3.22 0.48
N ASP A 111 19.01 2.37 -0.56
CA ASP A 111 20.08 2.26 -1.55
C ASP A 111 20.43 3.59 -2.18
N VAL A 112 19.41 4.33 -2.63
CA VAL A 112 19.65 5.58 -3.37
C VAL A 112 20.23 6.67 -2.46
N LEU A 113 19.72 6.73 -1.23
CA LEU A 113 20.22 7.62 -0.19
C LEU A 113 21.70 7.34 0.12
N GLN A 114 22.05 6.06 0.34
CA GLN A 114 23.41 5.71 0.68
C GLN A 114 24.40 6.00 -0.47
N SER A 115 23.97 5.71 -1.71
CA SER A 115 24.75 6.03 -2.91
C SER A 115 24.99 7.52 -3.06
N THR A 116 23.92 8.31 -2.85
CA THR A 116 24.00 9.75 -2.86
C THR A 116 24.99 10.26 -1.80
N HIS A 117 24.83 9.75 -0.58
CA HIS A 117 25.79 10.02 0.50
C HIS A 117 27.26 9.78 0.06
N VAL A 118 27.54 8.66 -0.60
CA VAL A 118 28.92 8.41 -1.13
C VAL A 118 29.29 9.38 -2.26
N LEU A 119 28.40 9.56 -3.23
CA LEU A 119 28.66 10.52 -4.31
C LEU A 119 28.92 11.96 -3.80
N LEU A 120 28.24 12.38 -2.72
CA LEU A 120 28.51 13.68 -2.12
C LEU A 120 29.94 13.83 -1.58
N ALA A 121 30.54 12.71 -1.17
CA ALA A 121 31.85 12.73 -0.50
C ALA A 121 32.99 12.59 -1.52
N THR A 122 32.64 12.57 -2.79
CA THR A 122 33.63 12.35 -3.84
C THR A 122 34.69 13.48 -3.85
N PRO A 123 36.00 13.10 -3.80
CA PRO A 123 37.07 14.09 -3.64
C PRO A 123 36.96 15.32 -4.53
N ALA A 124 36.56 15.15 -5.79
CA ALA A 124 36.44 16.28 -6.71
C ALA A 124 35.33 17.27 -6.33
N LEU A 125 34.44 16.88 -5.42
CA LEU A 125 33.35 17.77 -4.99
C LEU A 125 33.58 18.33 -3.59
N ASP A 126 34.79 18.09 -3.07
CA ASP A 126 35.14 18.50 -1.72
C ASP A 126 34.94 20.00 -1.51
N ALA A 127 34.28 20.36 -0.41
CA ALA A 127 33.95 21.76 -0.05
C ALA A 127 33.12 22.54 -1.08
N VAL A 128 32.57 21.84 -2.06
CA VAL A 128 31.72 22.49 -3.06
C VAL A 128 30.30 22.87 -2.53
N PHE A 129 29.66 21.94 -1.82
CA PHE A 129 28.26 22.13 -1.39
C PHE A 129 28.12 22.56 0.07
N THR A 130 27.18 23.46 0.35
CA THR A 130 26.89 23.82 1.74
C THR A 130 26.25 22.63 2.46
N ASP A 131 26.14 22.74 3.78
CA ASP A 131 25.43 21.75 4.57
C ASP A 131 23.96 21.67 4.16
N LEU A 132 23.37 22.81 3.80
CA LEU A 132 21.97 22.85 3.42
C LEU A 132 21.74 22.08 2.11
N GLU A 133 22.62 22.30 1.13
CA GLU A 133 22.57 21.56 -0.12
C GLU A 133 22.75 20.05 0.09
N ILE A 134 23.64 19.67 1.00
CA ILE A 134 23.82 18.26 1.38
C ILE A 134 22.53 17.71 2.05
N LEU A 135 21.96 18.47 2.98
CA LEU A 135 20.72 18.05 3.65
C LEU A 135 19.62 17.81 2.61
N ALA A 136 19.44 18.78 1.71
CA ALA A 136 18.48 18.68 0.63
C ALA A 136 18.67 17.41 -0.22
N ALA A 137 19.92 17.15 -0.61
CA ALA A 137 20.23 15.99 -1.48
C ALA A 137 19.82 14.69 -0.82
N LEU A 138 20.15 14.56 0.46
CA LEU A 138 19.88 13.35 1.21
C LEU A 138 18.38 13.17 1.48
N PHE A 139 17.71 14.29 1.77
CA PHE A 139 16.28 14.24 2.00
C PHE A 139 15.59 13.85 0.69
N ALA A 140 16.00 14.48 -0.41
CA ALA A 140 15.43 14.19 -1.73
C ALA A 140 15.60 12.72 -2.06
N ALA A 141 16.80 12.19 -1.86
CA ALA A 141 17.07 10.78 -2.12
C ALA A 141 16.20 9.84 -1.28
N ALA A 142 16.00 10.19 -0.02
CA ALA A 142 15.22 9.34 0.90
C ALA A 142 13.73 9.27 0.55
N ILE A 143 13.17 10.37 0.04
CA ILE A 143 11.74 10.48 -0.26
C ILE A 143 11.42 10.25 -1.75
N HIS A 144 12.43 10.08 -2.59
CA HIS A 144 12.24 10.23 -4.04
C HIS A 144 11.22 9.26 -4.69
N ASP A 145 10.93 8.15 -4.04
CA ASP A 145 9.96 7.18 -4.54
C ASP A 145 8.88 6.79 -3.52
N VAL A 146 8.71 7.59 -2.46
CA VAL A 146 7.80 7.21 -1.40
C VAL A 146 6.35 7.03 -1.91
N ASP A 147 5.68 5.98 -1.41
CA ASP A 147 4.32 5.66 -1.79
C ASP A 147 4.17 5.26 -3.27
N HIS A 148 5.23 4.64 -3.80
CA HIS A 148 5.20 4.16 -5.19
C HIS A 148 4.27 2.96 -5.27
N PRO A 149 3.28 3.00 -6.19
CA PRO A 149 2.28 1.94 -6.31
C PRO A 149 2.76 0.70 -7.08
N GLY A 150 3.97 0.75 -7.65
CA GLY A 150 4.50 -0.40 -8.41
C GLY A 150 4.07 -0.43 -9.87
N VAL A 151 3.60 0.71 -10.36
CA VAL A 151 3.23 0.87 -11.78
C VAL A 151 3.76 2.22 -12.26
N SER A 152 4.09 2.29 -13.56
CA SER A 152 4.68 3.48 -14.18
C SER A 152 3.69 4.66 -14.29
N ASN A 153 4.22 5.82 -14.67
CA ASN A 153 3.39 6.98 -14.91
C ASN A 153 2.29 6.70 -15.96
N GLN A 154 2.70 6.00 -17.03
CA GLN A 154 1.80 5.72 -18.14
C GLN A 154 0.58 4.91 -17.68
N PHE A 155 0.77 3.99 -16.74
CA PHE A 155 -0.37 3.22 -16.23
C PHE A 155 -1.37 4.15 -15.49
N LEU A 156 -0.83 5.07 -14.70
CA LEU A 156 -1.68 6.03 -13.97
C LEU A 156 -2.39 6.97 -14.97
N ILE A 157 -1.71 7.34 -16.04
CA ILE A 157 -2.30 8.18 -17.09
C ILE A 157 -3.39 7.45 -17.87
N ASN A 158 -3.10 6.22 -18.29
CA ASN A 158 -4.04 5.41 -19.09
C ASN A 158 -5.32 5.02 -18.33
N THR A 159 -5.21 4.87 -17.01
CA THR A 159 -6.38 4.55 -16.20
C THR A 159 -7.19 5.77 -15.75
N ASN A 160 -6.78 6.97 -16.17
CA ASN A 160 -7.36 8.25 -15.71
C ASN A 160 -7.42 8.36 -14.18
N SER A 161 -6.32 8.02 -13.52
CA SER A 161 -6.33 8.09 -12.06
C SER A 161 -6.35 9.53 -11.56
N GLU A 162 -6.92 9.71 -10.37
CA GLU A 162 -6.97 10.99 -9.67
C GLU A 162 -5.63 11.74 -9.72
N LEU A 163 -4.52 11.01 -9.53
CA LEU A 163 -3.22 11.68 -9.52
C LEU A 163 -2.83 12.23 -10.87
N ALA A 164 -3.11 11.47 -11.94
CA ALA A 164 -2.73 11.95 -13.29
C ALA A 164 -3.56 13.18 -13.63
N LEU A 165 -4.79 13.19 -13.14
CA LEU A 165 -5.67 14.34 -13.31
C LEU A 165 -5.20 15.60 -12.56
N MET A 166 -4.81 15.42 -11.29
CA MET A 166 -4.25 16.50 -10.47
C MET A 166 -3.01 17.12 -11.12
N TYR A 167 -2.12 16.28 -11.67
CA TYR A 167 -0.81 16.73 -12.15
C TYR A 167 -0.70 16.86 -13.68
N ASN A 168 -1.85 16.80 -14.35
CA ASN A 168 -1.91 17.00 -15.78
C ASN A 168 -0.93 16.09 -16.54
N ASP A 169 -0.94 14.81 -16.17
CA ASP A 169 -0.12 13.77 -16.80
C ASP A 169 1.40 13.99 -16.82
N GLU A 170 1.88 14.93 -16.03
CA GLU A 170 3.30 15.31 -16.10
C GLU A 170 4.01 14.94 -14.78
N SER A 171 5.02 14.07 -14.89
CA SER A 171 5.76 13.59 -13.74
C SER A 171 4.79 13.26 -12.62
N VAL A 172 3.80 12.42 -12.93
CA VAL A 172 2.72 12.16 -11.99
C VAL A 172 3.23 11.56 -10.66
N LEU A 173 3.97 10.47 -10.77
CA LEU A 173 4.54 9.80 -9.60
C LEU A 173 5.47 10.72 -8.82
N GLU A 174 6.35 11.41 -9.53
CA GLU A 174 7.38 12.21 -8.90
C GLU A 174 6.77 13.37 -8.13
N ASN A 175 5.72 13.97 -8.70
CA ASN A 175 4.98 14.96 -7.94
C ASN A 175 4.35 14.40 -6.69
N HIS A 176 3.78 13.21 -6.80
CA HIS A 176 3.21 12.53 -5.65
C HIS A 176 4.25 12.21 -4.58
N HIS A 177 5.44 11.75 -4.99
CA HIS A 177 6.50 11.44 -4.00
C HIS A 177 6.86 12.68 -3.17
N LEU A 178 6.97 13.80 -3.86
CA LEU A 178 7.21 15.10 -3.26
C LEU A 178 6.12 15.52 -2.30
N ALA A 179 4.85 15.41 -2.75
CA ALA A 179 3.71 15.73 -1.89
C ALA A 179 3.70 14.87 -0.62
N VAL A 180 3.92 13.58 -0.75
CA VAL A 180 3.93 12.68 0.41
C VAL A 180 5.12 12.96 1.37
N GLY A 181 6.32 13.11 0.81
CA GLY A 181 7.53 13.34 1.61
C GLY A 181 7.43 14.61 2.44
N PHE A 182 6.88 15.66 1.83
CA PHE A 182 6.66 16.91 2.52
C PHE A 182 5.51 16.85 3.53
N LYS A 183 4.37 16.27 3.14
CA LYS A 183 3.20 16.19 4.01
C LYS A 183 3.49 15.46 5.33
N LEU A 184 4.35 14.45 5.26
CA LEU A 184 4.64 13.62 6.42
C LEU A 184 5.37 14.36 7.55
N LEU A 185 6.00 15.49 7.21
CA LEU A 185 6.63 16.38 8.18
C LEU A 185 5.60 16.89 9.20
N GLN A 186 4.32 16.88 8.80
CA GLN A 186 3.27 17.46 9.63
C GLN A 186 2.65 16.44 10.57
N GLU A 187 3.02 15.17 10.44
CA GLU A 187 2.56 14.19 11.39
C GLU A 187 3.19 14.44 12.77
N ASP A 188 2.68 13.77 13.79
CA ASP A 188 3.07 14.09 15.16
C ASP A 188 4.56 13.85 15.40
N ASN A 189 5.25 14.92 15.82
CA ASN A 189 6.69 14.90 16.10
C ASN A 189 7.53 14.42 14.89
N CYS A 190 7.21 14.94 13.71
CA CYS A 190 7.88 14.53 12.47
C CYS A 190 8.58 15.66 11.76
N ASP A 191 8.40 16.89 12.23
CA ASP A 191 8.96 18.02 11.53
C ASP A 191 10.45 18.21 11.80
N ILE A 192 11.27 17.49 11.04
CA ILE A 192 12.70 17.55 11.18
C ILE A 192 13.30 18.91 10.79
N PHE A 193 12.55 19.75 10.07
CA PHE A 193 13.07 21.03 9.65
C PHE A 193 12.59 22.19 10.56
N GLN A 194 12.10 21.83 11.74
CA GLN A 194 11.49 22.81 12.65
C GLN A 194 12.47 23.92 13.05
N ASN A 195 13.76 23.63 13.05
CA ASN A 195 14.74 24.64 13.48
C ASN A 195 15.50 25.30 12.36
N LEU A 196 15.15 24.98 11.11
CA LEU A 196 15.63 25.74 9.97
C LEU A 196 14.92 27.08 9.94
N SER A 197 15.60 28.09 9.41
CA SER A 197 15.00 29.40 9.21
C SER A 197 14.07 29.32 8.01
N LYS A 198 13.27 30.36 7.85
CA LYS A 198 12.32 30.42 6.77
C LYS A 198 13.01 30.41 5.41
N ARG A 199 14.07 31.20 5.25
CA ARG A 199 14.85 31.21 4.00
C ARG A 199 15.42 29.83 3.70
N GLN A 200 15.91 29.15 4.74
CA GLN A 200 16.52 27.84 4.63
C GLN A 200 15.49 26.79 4.18
N ARG A 201 14.29 26.86 4.77
CA ARG A 201 13.19 25.98 4.40
C ARG A 201 12.77 26.17 2.95
N GLN A 202 12.66 27.42 2.51
CA GLN A 202 12.28 27.72 1.13
C GLN A 202 13.31 27.21 0.15
N SER A 203 14.58 27.35 0.53
CA SER A 203 15.67 26.99 -0.34
C SER A 203 15.77 25.46 -0.45
N LEU A 204 15.66 24.79 0.69
CA LEU A 204 15.65 23.33 0.74
C LEU A 204 14.48 22.75 -0.09
N ARG A 205 13.26 23.23 0.17
CA ARG A 205 12.08 22.83 -0.59
C ARG A 205 12.32 22.91 -2.11
N LYS A 206 12.82 24.05 -2.57
CA LYS A 206 13.06 24.24 -3.98
C LYS A 206 14.08 23.22 -4.54
N MET A 207 15.17 22.99 -3.81
CA MET A 207 16.20 22.06 -4.23
C MET A 207 15.69 20.63 -4.26
N VAL A 208 14.93 20.25 -3.24
CA VAL A 208 14.36 18.91 -3.17
C VAL A 208 13.40 18.64 -4.35
N ILE A 209 12.56 19.63 -4.66
CA ILE A 209 11.66 19.57 -5.82
C ILE A 209 12.43 19.27 -7.12
N ASP A 210 13.48 20.06 -7.38
CA ASP A 210 14.31 19.87 -8.59
C ASP A 210 14.93 18.47 -8.66
N MET A 211 15.47 18.00 -7.54
CA MET A 211 16.11 16.68 -7.48
C MET A 211 15.13 15.53 -7.70
N VAL A 212 14.00 15.57 -7.03
CA VAL A 212 13.01 14.50 -7.16
C VAL A 212 12.41 14.49 -8.57
N LEU A 213 12.03 15.65 -9.09
CA LEU A 213 11.50 15.71 -10.44
C LEU A 213 12.50 15.20 -11.48
N ALA A 214 13.80 15.35 -11.20
CA ALA A 214 14.86 14.91 -12.12
C ALA A 214 15.02 13.40 -12.15
N THR A 215 14.31 12.69 -11.27
CA THR A 215 14.36 11.22 -11.26
C THR A 215 13.31 10.62 -12.20
N ASP A 216 12.51 11.50 -12.81
CA ASP A 216 11.56 11.10 -13.84
C ASP A 216 12.38 10.78 -15.11
N MET A 217 12.30 9.52 -15.55
CA MET A 217 13.15 9.06 -16.64
C MET A 217 12.92 9.81 -17.96
N SER A 218 11.73 10.38 -18.14
CA SER A 218 11.47 11.18 -19.34
C SER A 218 12.27 12.49 -19.39
N LYS A 219 12.98 12.80 -18.30
CA LYS A 219 13.89 13.94 -18.24
C LYS A 219 15.35 13.58 -18.50
N HIS A 220 15.63 12.29 -18.61
CA HIS A 220 17.01 11.80 -18.63
C HIS A 220 17.87 12.50 -19.69
N MET A 221 17.31 12.60 -20.88
CA MET A 221 18.01 13.13 -22.05
C MET A 221 18.50 14.56 -21.85
N THR A 222 17.62 15.43 -21.35
CA THR A 222 17.98 16.82 -21.05
C THR A 222 18.96 16.94 -19.89
N LEU A 223 18.73 16.22 -18.80
CA LEU A 223 19.71 16.17 -17.71
C LEU A 223 21.10 15.83 -18.25
N LEU A 224 21.18 14.75 -19.02
CA LEU A 224 22.47 14.28 -19.52
C LEU A 224 23.10 15.26 -20.51
N ALA A 225 22.30 15.82 -21.42
CA ALA A 225 22.81 16.86 -22.34
C ALA A 225 23.38 18.08 -21.57
N ASP A 226 22.68 18.46 -20.49
CA ASP A 226 23.12 19.59 -19.66
C ASP A 226 24.41 19.25 -18.89
N LEU A 227 24.46 18.06 -18.32
CA LEU A 227 25.66 17.60 -17.62
C LEU A 227 26.87 17.60 -18.57
N LYS A 228 26.68 17.02 -19.75
CA LYS A 228 27.74 16.94 -20.76
C LYS A 228 28.29 18.30 -21.15
N THR A 229 27.40 19.26 -21.42
CA THR A 229 27.78 20.63 -21.70
C THR A 229 28.65 21.20 -20.56
N MET A 230 28.22 21.01 -19.31
CA MET A 230 29.00 21.40 -18.14
C MET A 230 30.40 20.76 -18.10
N VAL A 231 30.47 19.46 -18.36
CA VAL A 231 31.76 18.76 -18.40
C VAL A 231 32.73 19.41 -19.42
N GLU A 232 32.23 19.77 -20.60
CA GLU A 232 33.07 20.33 -21.66
C GLU A 232 33.64 21.71 -21.32
N THR A 233 32.98 22.45 -20.44
CA THR A 233 33.49 23.75 -20.00
C THR A 233 33.79 23.83 -18.48
N LYS A 234 34.16 22.70 -17.88
CA LYS A 234 34.38 22.64 -16.43
C LYS A 234 35.65 23.34 -15.99
N LYS A 235 35.59 23.96 -14.82
CA LYS A 235 36.74 24.63 -14.24
C LYS A 235 37.17 23.89 -12.98
N VAL A 236 38.48 23.68 -12.85
CA VAL A 236 39.09 22.95 -11.74
C VAL A 236 40.08 23.84 -10.99
N THR A 237 40.14 23.72 -9.66
CA THR A 237 41.06 24.51 -8.82
C THR A 237 42.44 23.86 -8.67
N SER A 238 43.31 24.55 -7.92
CA SER A 238 44.65 24.10 -7.51
C SER A 238 44.85 22.58 -7.47
N SER A 239 43.98 21.88 -6.72
CA SER A 239 44.13 20.46 -6.41
C SER A 239 43.46 19.47 -7.37
N GLY A 240 42.69 19.98 -8.34
CA GLY A 240 41.87 19.12 -9.20
C GLY A 240 40.45 18.98 -8.66
N VAL A 241 40.08 19.90 -7.75
CA VAL A 241 38.74 19.95 -7.19
C VAL A 241 37.88 20.84 -8.09
N LEU A 242 36.62 20.43 -8.30
CA LEU A 242 35.69 21.18 -9.14
C LEU A 242 35.32 22.57 -8.61
N LEU A 243 35.04 23.46 -9.55
CA LEU A 243 34.78 24.84 -9.24
C LEU A 243 33.40 25.18 -9.79
N LEU A 244 32.44 25.36 -8.89
CA LEU A 244 31.07 25.72 -9.25
C LEU A 244 30.68 26.99 -8.51
N ASP A 245 30.92 28.11 -9.17
CA ASP A 245 30.73 29.44 -8.58
C ASP A 245 29.25 29.70 -8.29
N ASN A 246 28.38 29.30 -9.21
CA ASN A 246 26.95 29.67 -9.14
C ASN A 246 25.96 28.54 -8.92
N TYR A 247 24.80 28.91 -8.37
CA TYR A 247 23.76 27.97 -7.98
C TYR A 247 23.32 27.09 -9.16
N SER A 248 23.14 27.71 -10.31
CA SER A 248 22.69 27.01 -11.51
C SER A 248 23.48 25.72 -11.79
N ASP A 249 24.81 25.84 -11.80
CA ASP A 249 25.71 24.72 -11.92
C ASP A 249 25.57 23.73 -10.77
N ARG A 250 25.44 24.24 -9.54
CA ARG A 250 25.33 23.36 -8.37
C ARG A 250 24.08 22.47 -8.36
N ILE A 251 22.92 23.03 -8.69
CA ILE A 251 21.67 22.24 -8.65
C ILE A 251 21.68 21.24 -9.81
N GLN A 252 22.29 21.66 -10.93
CA GLN A 252 22.53 20.82 -12.08
C GLN A 252 23.30 19.55 -11.71
N VAL A 253 24.39 19.72 -10.96
CA VAL A 253 25.21 18.60 -10.49
C VAL A 253 24.44 17.76 -9.47
N LEU A 254 23.66 18.41 -8.60
CA LEU A 254 22.88 17.69 -7.61
C LEU A 254 21.79 16.86 -8.26
N ARG A 255 21.10 17.46 -9.23
CA ARG A 255 20.06 16.76 -9.99
C ARG A 255 20.63 15.51 -10.66
N ASN A 256 21.78 15.66 -11.31
CA ASN A 256 22.45 14.53 -11.97
C ASN A 256 22.95 13.51 -10.97
N MET A 257 23.34 13.99 -9.78
CA MET A 257 23.88 13.11 -8.76
C MET A 257 22.82 12.16 -8.23
N VAL A 258 21.63 12.67 -7.98
CA VAL A 258 20.54 11.85 -7.46
C VAL A 258 20.01 10.92 -8.55
N HIS A 259 20.00 11.40 -9.79
CA HIS A 259 19.68 10.61 -10.99
C HIS A 259 20.69 9.47 -11.21
N CYS A 260 21.99 9.77 -11.07
CA CYS A 260 23.02 8.72 -11.10
C CYS A 260 22.83 7.68 -10.01
N ALA A 261 22.54 8.14 -8.78
CA ALA A 261 22.32 7.22 -7.66
C ALA A 261 21.11 6.33 -7.90
N ASP A 262 20.04 6.92 -8.43
CA ASP A 262 18.83 6.20 -8.82
C ASP A 262 19.17 5.18 -9.92
N LEU A 263 20.13 5.52 -10.77
CA LEU A 263 20.56 4.61 -11.83
C LEU A 263 21.89 3.93 -11.51
N SER A 264 22.12 3.60 -10.23
CA SER A 264 23.42 3.07 -9.82
C SER A 264 23.52 1.54 -9.74
N ASN A 265 22.39 0.84 -9.86
CA ASN A 265 22.37 -0.61 -9.71
C ASN A 265 23.44 -1.29 -10.60
N PRO A 266 23.49 -0.96 -11.92
CA PRO A 266 24.45 -1.68 -12.76
C PRO A 266 25.91 -1.39 -12.44
N THR A 267 26.18 -0.46 -11.52
CA THR A 267 27.53 -0.04 -11.17
C THR A 267 28.04 -0.67 -9.88
N LYS A 268 27.17 -1.42 -9.19
CA LYS A 268 27.50 -2.09 -7.93
C LYS A 268 28.00 -3.51 -8.24
N PRO A 269 28.66 -4.18 -7.26
CA PRO A 269 29.13 -5.55 -7.56
C PRO A 269 28.01 -6.43 -8.14
N LEU A 270 28.38 -7.31 -9.06
CA LEU A 270 27.44 -8.12 -9.84
C LEU A 270 26.36 -8.80 -9.00
N GLU A 271 26.76 -9.34 -7.84
CA GLU A 271 25.82 -10.03 -6.93
C GLU A 271 24.64 -9.15 -6.49
N LEU A 272 24.88 -7.86 -6.28
CA LEU A 272 23.81 -6.91 -5.91
C LEU A 272 23.00 -6.52 -7.13
N TYR A 273 23.71 -6.15 -8.19
CA TYR A 273 23.08 -5.79 -9.47
C TYR A 273 22.08 -6.86 -9.93
N ARG A 274 22.44 -8.13 -9.81
CA ARG A 274 21.52 -9.20 -10.21
C ARG A 274 20.25 -9.28 -9.37
N GLN A 275 20.38 -9.00 -8.07
CA GLN A 275 19.23 -8.92 -7.17
C GLN A 275 18.34 -7.73 -7.52
N TRP A 276 18.95 -6.58 -7.79
CA TRP A 276 18.21 -5.41 -8.30
C TRP A 276 17.44 -5.73 -9.58
N THR A 277 18.08 -6.44 -10.53
CA THR A 277 17.43 -6.81 -11.79
C THR A 277 16.24 -7.74 -11.54
N ASP A 278 16.45 -8.78 -10.75
CA ASP A 278 15.36 -9.67 -10.35
C ASP A 278 14.16 -8.87 -9.85
N ARG A 279 14.43 -7.83 -9.08
CA ARG A 279 13.36 -7.05 -8.43
C ARG A 279 12.61 -6.18 -9.42
N ILE A 280 13.32 -5.48 -10.30
CA ILE A 280 12.65 -4.59 -11.24
C ILE A 280 11.79 -5.39 -12.24
N MET A 281 12.24 -6.58 -12.64
CA MET A 281 11.48 -7.41 -13.57
C MET A 281 10.21 -7.97 -12.92
N ALA A 282 10.33 -8.45 -11.69
CA ALA A 282 9.15 -8.88 -10.94
C ALA A 282 8.13 -7.73 -10.90
N GLU A 283 8.59 -6.51 -10.66
CA GLU A 283 7.67 -5.37 -10.59
C GLU A 283 7.06 -5.04 -11.97
N PHE A 284 7.91 -4.98 -13.00
CA PHE A 284 7.46 -4.79 -14.37
C PHE A 284 6.45 -5.85 -14.84
N PHE A 285 6.75 -7.14 -14.58
CA PHE A 285 5.84 -8.23 -15.00
C PHE A 285 4.51 -8.15 -14.31
N GLN A 286 4.52 -7.78 -13.02
CA GLN A 286 3.27 -7.54 -12.32
C GLN A 286 2.43 -6.44 -12.98
N GLN A 287 3.08 -5.35 -13.41
CA GLN A 287 2.34 -4.26 -14.07
C GLN A 287 1.72 -4.82 -15.36
N GLY A 288 2.53 -5.57 -16.11
CA GLY A 288 2.10 -6.19 -17.35
C GLY A 288 0.90 -7.11 -17.17
N ASP A 289 0.94 -7.92 -16.10
CA ASP A 289 -0.18 -8.81 -15.74
C ASP A 289 -1.46 -8.01 -15.50
N ARG A 290 -1.33 -6.88 -14.83
CA ARG A 290 -2.49 -6.03 -14.58
C ARG A 290 -3.00 -5.35 -15.87
N GLU A 291 -2.09 -4.92 -16.73
CA GLU A 291 -2.47 -4.38 -18.04
C GLU A 291 -3.24 -5.43 -18.86
N ARG A 292 -2.74 -6.66 -18.86
CA ARG A 292 -3.36 -7.74 -19.62
C ARG A 292 -4.77 -8.05 -19.12
N GLU A 293 -4.94 -8.10 -17.80
CA GLU A 293 -6.26 -8.31 -17.19
C GLU A 293 -7.26 -7.24 -17.63
N ARG A 294 -6.74 -6.03 -17.83
CA ARG A 294 -7.58 -4.86 -18.11
C ARG A 294 -7.77 -4.63 -19.61
N GLY A 295 -7.06 -5.42 -20.42
CA GLY A 295 -7.15 -5.32 -21.88
C GLY A 295 -6.43 -4.10 -22.39
N MET A 296 -5.56 -3.52 -21.55
CA MET A 296 -4.71 -2.40 -21.94
C MET A 296 -3.53 -2.93 -22.75
N GLU A 297 -2.94 -2.04 -23.56
CA GLU A 297 -1.69 -2.35 -24.24
C GLU A 297 -0.58 -2.44 -23.20
N ILE A 298 0.16 -3.55 -23.24
CA ILE A 298 1.18 -3.82 -22.25
C ILE A 298 2.41 -2.92 -22.45
N SER A 299 2.77 -2.18 -21.41
CA SER A 299 3.93 -1.28 -21.39
C SER A 299 5.25 -1.99 -21.72
N PRO A 300 6.26 -1.22 -22.19
CA PRO A 300 7.54 -1.78 -22.57
C PRO A 300 8.16 -2.64 -21.49
N MET A 301 8.61 -3.82 -21.90
CA MET A 301 9.29 -4.80 -21.06
C MET A 301 8.48 -5.33 -19.87
N CYS A 302 7.16 -5.18 -19.94
CA CYS A 302 6.28 -5.64 -18.88
C CYS A 302 5.57 -6.96 -19.20
N ASP A 303 5.91 -7.55 -20.36
CA ASP A 303 5.32 -8.84 -20.77
C ASP A 303 6.24 -10.00 -20.41
N LYS A 304 5.85 -10.78 -19.40
CA LYS A 304 6.66 -11.90 -18.91
C LYS A 304 6.86 -12.99 -19.97
N HIS A 305 5.86 -13.13 -20.86
CA HIS A 305 5.86 -14.16 -21.90
C HIS A 305 6.85 -13.86 -23.03
N THR A 306 7.21 -12.59 -23.22
CA THR A 306 8.06 -12.21 -24.37
C THR A 306 9.17 -11.22 -24.01
N ALA A 307 9.98 -11.56 -23.02
CA ALA A 307 10.95 -10.60 -22.53
C ALA A 307 12.30 -11.25 -22.33
N SER A 308 13.33 -10.51 -22.69
CA SER A 308 14.68 -10.95 -22.46
C SER A 308 15.30 -10.07 -21.38
N VAL A 309 15.35 -10.62 -20.18
CA VAL A 309 15.92 -9.95 -19.02
C VAL A 309 17.34 -9.47 -19.34
N GLU A 310 18.11 -10.30 -20.03
CA GLU A 310 19.51 -10.02 -20.25
C GLU A 310 19.73 -8.95 -21.31
N LYS A 311 18.99 -9.01 -22.42
CA LYS A 311 19.07 -8.00 -23.49
C LYS A 311 18.64 -6.63 -22.99
N SER A 312 17.58 -6.63 -22.18
CA SER A 312 17.04 -5.41 -21.60
C SER A 312 18.05 -4.74 -20.71
N GLN A 313 18.74 -5.51 -19.88
CA GLN A 313 19.85 -4.94 -19.10
C GLN A 313 20.95 -4.38 -19.98
N VAL A 314 21.29 -5.09 -21.05
CA VAL A 314 22.31 -4.63 -21.99
C VAL A 314 21.87 -3.31 -22.66
N GLY A 315 20.65 -3.27 -23.16
CA GLY A 315 20.05 -2.04 -23.70
C GLY A 315 20.00 -0.88 -22.70
N PHE A 316 19.71 -1.20 -21.43
CA PHE A 316 19.61 -0.20 -20.37
C PHE A 316 20.96 0.48 -20.18
N ILE A 317 22.00 -0.34 -20.05
CA ILE A 317 23.37 0.16 -19.91
C ILE A 317 23.82 0.90 -21.16
N ASP A 318 23.67 0.28 -22.33
CA ASP A 318 24.14 0.86 -23.58
C ASP A 318 23.53 2.23 -23.88
N TYR A 319 22.22 2.38 -23.66
CA TYR A 319 21.50 3.59 -24.11
C TYR A 319 21.36 4.67 -23.03
N ILE A 320 21.37 4.28 -21.75
CA ILE A 320 21.04 5.18 -20.62
C ILE A 320 22.17 5.24 -19.61
N VAL A 321 22.53 4.09 -19.04
CA VAL A 321 23.37 4.06 -17.83
C VAL A 321 24.83 4.38 -18.11
N HIS A 322 25.38 3.78 -19.17
CA HIS A 322 26.77 4.05 -19.51
C HIS A 322 27.03 5.48 -19.98
N PRO A 323 26.19 6.02 -20.88
CA PRO A 323 26.44 7.44 -21.23
C PRO A 323 26.32 8.37 -20.03
N LEU A 324 25.38 8.08 -19.12
CA LEU A 324 25.22 8.87 -17.89
C LEU A 324 26.45 8.77 -17.01
N TRP A 325 26.88 7.54 -16.70
CA TRP A 325 28.01 7.36 -15.80
C TRP A 325 29.37 7.80 -16.38
N GLU A 326 29.58 7.59 -17.68
CA GLU A 326 30.77 8.07 -18.37
C GLU A 326 30.88 9.58 -18.24
N THR A 327 29.77 10.26 -18.46
CA THR A 327 29.74 11.71 -18.33
C THR A 327 29.95 12.14 -16.87
N TRP A 328 29.37 11.40 -15.92
CA TRP A 328 29.64 11.69 -14.51
C TRP A 328 31.12 11.48 -14.21
N ALA A 329 31.67 10.34 -14.62
CA ALA A 329 33.10 10.05 -14.40
C ALA A 329 34.01 11.13 -15.00
N ASP A 330 33.63 11.67 -16.15
CA ASP A 330 34.37 12.80 -16.72
C ASP A 330 34.31 14.06 -15.85
N LEU A 331 33.13 14.35 -15.30
CA LEU A 331 32.98 15.48 -14.36
C LEU A 331 33.91 15.33 -13.15
N VAL A 332 33.91 14.16 -12.52
CA VAL A 332 34.64 13.96 -11.26
C VAL A 332 36.03 13.29 -11.43
N HIS A 333 36.52 13.20 -12.66
CA HIS A 333 37.76 12.50 -13.00
C HIS A 333 38.92 12.79 -12.03
N PRO A 334 39.58 11.73 -11.52
CA PRO A 334 39.37 10.30 -11.81
C PRO A 334 38.58 9.50 -10.76
N ASP A 335 37.84 10.19 -9.89
CA ASP A 335 37.23 9.56 -8.69
C ASP A 335 36.25 8.41 -8.98
N ALA A 336 35.66 8.40 -10.17
CA ALA A 336 34.65 7.38 -10.51
C ALA A 336 35.14 6.31 -11.48
N GLN A 337 36.45 6.25 -11.70
CA GLN A 337 37.03 5.28 -12.62
C GLN A 337 36.59 3.85 -12.28
N GLU A 338 36.70 3.47 -11.02
CA GLU A 338 36.31 2.12 -10.59
C GLU A 338 34.83 1.80 -10.84
N ILE A 339 33.97 2.81 -10.68
CA ILE A 339 32.54 2.66 -10.92
C ILE A 339 32.29 2.33 -12.39
N LEU A 340 32.99 3.03 -13.27
CA LEU A 340 32.92 2.79 -14.70
C LEU A 340 33.42 1.40 -15.10
N ASP A 341 34.52 0.94 -14.50
CA ASP A 341 35.08 -0.39 -14.78
C ASP A 341 34.09 -1.47 -14.44
N THR A 342 33.46 -1.36 -13.26
CA THR A 342 32.47 -2.33 -12.79
C THR A 342 31.31 -2.37 -13.78
N LEU A 343 30.88 -1.19 -14.23
CA LEU A 343 29.76 -1.07 -15.15
C LEU A 343 30.04 -1.84 -16.43
N GLU A 344 31.23 -1.61 -16.97
CA GLU A 344 31.65 -2.26 -18.20
C GLU A 344 31.72 -3.79 -18.05
N ASP A 345 32.30 -4.27 -16.93
CA ASP A 345 32.32 -5.70 -16.58
C ASP A 345 30.93 -6.30 -16.39
N ASN A 346 30.03 -5.54 -15.79
CA ASN A 346 28.68 -6.06 -15.55
C ASN A 346 27.89 -6.14 -16.84
N ARG A 347 28.15 -5.19 -17.73
CA ARG A 347 27.55 -5.19 -19.05
C ARG A 347 27.94 -6.45 -19.82
N ASP A 348 29.24 -6.75 -19.82
CA ASP A 348 29.78 -7.98 -20.44
C ASP A 348 29.06 -9.21 -19.91
N TRP A 349 28.89 -9.28 -18.59
CA TRP A 349 28.26 -10.43 -17.98
C TRP A 349 26.86 -10.65 -18.53
N TYR A 350 26.05 -9.60 -18.59
CA TYR A 350 24.69 -9.75 -19.12
C TYR A 350 24.71 -10.00 -20.63
N TYR A 351 25.73 -9.47 -21.29
CA TYR A 351 25.89 -9.72 -22.73
C TYR A 351 26.25 -11.20 -23.01
N SER A 352 27.26 -11.72 -22.32
CA SER A 352 27.67 -13.13 -22.50
C SER A 352 26.73 -14.12 -21.83
N ALA A 353 25.76 -13.59 -21.10
CA ALA A 353 24.75 -14.44 -20.50
C ALA A 353 23.49 -14.45 -21.35
N ILE A 354 23.45 -13.60 -22.39
CA ILE A 354 22.29 -13.62 -23.31
C ILE A 354 22.16 -15.03 -23.85
N MET B 21 -11.15 -6.52 -23.89
CA MET B 21 -10.58 -7.41 -22.85
C MET B 21 -11.31 -8.73 -22.80
N ASN B 22 -10.58 -9.75 -22.36
CA ASN B 22 -11.12 -11.10 -22.19
C ASN B 22 -11.91 -11.19 -20.89
N ILE B 23 -13.09 -11.81 -20.94
CA ILE B 23 -13.89 -12.10 -19.75
C ILE B 23 -13.84 -13.59 -19.48
N PRO B 24 -12.90 -14.04 -18.62
CA PRO B 24 -12.75 -15.46 -18.33
C PRO B 24 -13.99 -16.05 -17.68
N ARG B 25 -14.15 -17.37 -17.81
CA ARG B 25 -15.32 -18.09 -17.29
C ARG B 25 -15.76 -17.63 -15.90
N PHE B 26 -14.83 -17.61 -14.95
CA PHE B 26 -15.14 -17.18 -13.57
C PHE B 26 -14.69 -15.75 -13.23
N GLY B 27 -14.57 -14.91 -14.24
CA GLY B 27 -14.22 -13.49 -14.06
C GLY B 27 -12.74 -13.15 -14.02
N VAL B 28 -11.89 -14.15 -13.78
CA VAL B 28 -10.45 -13.95 -13.63
C VAL B 28 -9.72 -15.10 -14.30
N LYS B 29 -8.48 -14.86 -14.71
CA LYS B 29 -7.62 -15.93 -15.21
C LYS B 29 -7.30 -16.94 -14.09
N THR B 30 -7.24 -18.22 -14.47
CA THR B 30 -6.93 -19.29 -13.53
C THR B 30 -6.19 -20.44 -14.20
N ASP B 31 -5.16 -20.94 -13.52
CA ASP B 31 -4.42 -22.12 -13.95
C ASP B 31 -5.02 -23.40 -13.39
N GLN B 32 -6.13 -23.26 -12.66
CA GLN B 32 -6.76 -24.38 -11.98
C GLN B 32 -8.26 -24.19 -12.04
N GLU B 33 -8.78 -24.11 -13.26
CA GLU B 33 -10.20 -23.85 -13.51
C GLU B 33 -11.14 -24.88 -12.87
N GLU B 34 -10.73 -26.15 -12.87
CA GLU B 34 -11.60 -27.24 -12.38
C GLU B 34 -11.75 -27.23 -10.86
N LEU B 35 -10.64 -27.00 -10.16
CA LEU B 35 -10.68 -26.85 -8.72
C LEU B 35 -11.46 -25.60 -8.30
N LEU B 36 -11.29 -24.52 -9.07
CA LEU B 36 -12.06 -23.29 -8.85
C LEU B 36 -13.57 -23.51 -9.07
N ALA B 37 -13.92 -24.23 -10.14
CA ALA B 37 -15.33 -24.52 -10.43
C ALA B 37 -15.98 -25.29 -9.29
N GLN B 38 -15.20 -26.17 -8.68
CA GLN B 38 -15.65 -27.03 -7.62
C GLN B 38 -15.93 -26.24 -6.35
N GLU B 39 -15.03 -25.32 -5.99
CA GLU B 39 -15.31 -24.46 -4.84
C GLU B 39 -16.49 -23.53 -5.11
N LEU B 40 -16.61 -23.02 -6.33
CA LEU B 40 -17.70 -22.09 -6.62
C LEU B 40 -19.08 -22.73 -6.58
N GLU B 41 -19.13 -24.06 -6.50
CA GLU B 41 -20.39 -24.78 -6.25
CA GLU B 41 -20.41 -24.75 -6.27
C GLU B 41 -21.00 -24.29 -4.94
N ASN B 42 -20.12 -23.86 -4.02
CA ASN B 42 -20.54 -23.41 -2.68
C ASN B 42 -20.85 -21.91 -2.56
N LEU B 43 -20.93 -21.23 -3.70
CA LEU B 43 -21.14 -19.79 -3.75
C LEU B 43 -22.23 -19.32 -2.79
N ASN B 44 -23.33 -20.06 -2.74
CA ASN B 44 -24.50 -19.62 -2.01
C ASN B 44 -24.55 -20.13 -0.57
N LYS B 45 -23.43 -20.70 -0.11
CA LYS B 45 -23.40 -21.35 1.20
C LYS B 45 -22.43 -20.69 2.18
N TRP B 46 -22.78 -20.72 3.46
CA TRP B 46 -21.88 -20.30 4.52
C TRP B 46 -20.55 -21.06 4.50
N GLY B 47 -20.59 -22.32 4.05
CA GLY B 47 -19.43 -23.21 4.08
C GLY B 47 -18.41 -23.03 2.96
N LEU B 48 -18.66 -22.09 2.05
CA LEU B 48 -17.66 -21.69 1.03
C LEU B 48 -16.30 -21.41 1.66
N ASN B 49 -15.22 -21.89 1.03
CA ASN B 49 -13.88 -21.64 1.51
C ASN B 49 -13.20 -20.61 0.60
N ILE B 50 -13.17 -19.37 1.06
CA ILE B 50 -12.71 -18.25 0.25
C ILE B 50 -11.19 -18.32 0.08
N PHE B 51 -10.51 -19.00 1.01
CA PHE B 51 -9.06 -19.18 0.89
C PHE B 51 -8.71 -20.04 -0.33
N VAL B 53 -10.75 -20.45 -2.98
CA VAL B 53 -11.11 -19.55 -4.08
C VAL B 53 -9.94 -18.64 -4.44
N SER B 54 -9.43 -17.93 -3.44
CA SER B 54 -8.27 -17.07 -3.64
C SER B 54 -7.05 -17.78 -4.27
N ASP B 55 -6.70 -18.96 -3.74
CA ASP B 55 -5.57 -19.72 -4.32
C ASP B 55 -5.83 -20.00 -5.79
N TYR B 56 -7.00 -20.56 -6.08
CA TYR B 56 -7.35 -20.94 -7.45
C TYR B 56 -7.64 -19.75 -8.37
N ALA B 57 -7.80 -18.55 -7.81
CA ALA B 57 -8.02 -17.34 -8.62
C ALA B 57 -6.80 -16.45 -8.69
N GLY B 58 -5.63 -16.99 -8.36
CA GLY B 58 -4.37 -16.25 -8.45
C GLY B 58 -4.34 -14.97 -7.63
N GLY B 59 -5.02 -14.99 -6.48
CA GLY B 59 -5.07 -13.85 -5.57
C GLY B 59 -6.26 -12.93 -5.80
N ARG B 60 -7.03 -13.16 -6.86
CA ARG B 60 -8.16 -12.29 -7.22
C ARG B 60 -9.49 -12.78 -6.65
N SER B 61 -9.55 -13.04 -5.35
CA SER B 61 -10.79 -13.51 -4.73
C SER B 61 -11.92 -12.49 -4.80
N LEU B 62 -11.60 -11.22 -4.65
CA LEU B 62 -12.66 -10.22 -4.70
C LEU B 62 -13.26 -10.12 -6.12
N THR B 63 -12.42 -10.00 -7.14
CA THR B 63 -12.96 -9.87 -8.49
C THR B 63 -13.72 -11.16 -8.87
N CYS B 64 -13.18 -12.32 -8.51
CA CYS B 64 -13.84 -13.59 -8.81
C CYS B 64 -15.22 -13.68 -8.13
N ILE B 65 -15.25 -13.53 -6.81
CA ILE B 65 -16.48 -13.75 -6.07
C ILE B 65 -17.54 -12.73 -6.43
N MET B 66 -17.12 -11.49 -6.72
CA MET B 66 -18.08 -10.45 -7.04
C MET B 66 -18.66 -10.67 -8.45
N TYR B 67 -17.82 -11.11 -9.37
CA TYR B 67 -18.28 -11.47 -10.71
C TYR B 67 -19.36 -12.54 -10.59
N MET B 68 -19.02 -13.63 -9.91
CA MET B 68 -19.91 -14.77 -9.72
C MET B 68 -21.21 -14.40 -9.01
N ILE B 69 -21.11 -13.64 -7.92
CA ILE B 69 -22.31 -13.16 -7.24
C ILE B 69 -23.17 -12.32 -8.18
N PHE B 70 -22.53 -11.46 -8.97
CA PHE B 70 -23.29 -10.63 -9.91
C PHE B 70 -23.97 -11.42 -11.02
N GLN B 71 -23.29 -12.45 -11.55
CA GLN B 71 -23.91 -13.36 -12.51
C GLN B 71 -25.06 -14.17 -11.86
N GLU B 72 -24.78 -14.73 -10.69
CA GLU B 72 -25.78 -15.49 -9.93
C GLU B 72 -27.11 -14.75 -9.72
N ARG B 73 -27.03 -13.45 -9.43
CA ARG B 73 -28.21 -12.66 -9.10
C ARG B 73 -28.70 -11.85 -10.31
N ASP B 74 -28.04 -12.09 -11.45
CA ASP B 74 -28.40 -11.53 -12.74
C ASP B 74 -28.36 -10.00 -12.73
N LEU B 75 -27.42 -9.45 -11.98
CA LEU B 75 -27.40 -8.00 -11.69
C LEU B 75 -26.88 -7.15 -12.84
N LEU B 76 -26.07 -7.74 -13.71
CA LEU B 76 -25.55 -7.06 -14.90
C LEU B 76 -26.65 -6.71 -15.88
N LYS B 77 -27.55 -7.68 -16.13
CA LYS B 77 -28.73 -7.48 -16.97
C LYS B 77 -29.73 -6.57 -16.26
N LYS B 78 -29.94 -6.81 -14.96
CA LYS B 78 -30.92 -6.03 -14.20
C LYS B 78 -30.63 -4.53 -14.19
N PHE B 79 -29.34 -4.18 -14.24
CA PHE B 79 -28.93 -2.79 -14.18
C PHE B 79 -28.15 -2.31 -15.40
N ARG B 80 -28.16 -3.12 -16.46
CA ARG B 80 -27.48 -2.78 -17.73
C ARG B 80 -26.03 -2.33 -17.48
N ILE B 81 -25.35 -3.10 -16.64
CA ILE B 81 -23.95 -2.89 -16.35
C ILE B 81 -23.12 -3.63 -17.36
N PRO B 82 -22.38 -2.90 -18.23
CA PRO B 82 -21.58 -3.62 -19.20
C PRO B 82 -20.55 -4.49 -18.48
N VAL B 83 -20.35 -5.70 -18.98
CA VAL B 83 -19.56 -6.70 -18.28
C VAL B 83 -18.11 -6.26 -18.13
N ASP B 84 -17.56 -5.60 -19.15
CA ASP B 84 -16.15 -5.21 -19.10
C ASP B 84 -15.94 -4.05 -18.12
N THR B 85 -16.94 -3.17 -18.01
CA THR B 85 -16.98 -2.14 -17.00
C THR B 85 -17.02 -2.75 -15.59
N MET B 86 -17.88 -3.76 -15.37
CA MET B 86 -17.89 -4.46 -14.08
C MET B 86 -16.51 -5.03 -13.72
N VAL B 87 -15.88 -5.74 -14.66
CA VAL B 87 -14.61 -6.39 -14.36
C VAL B 87 -13.49 -5.36 -14.16
N THR B 88 -13.51 -4.30 -14.98
CA THR B 88 -12.53 -3.21 -14.85
C THR B 88 -12.65 -2.56 -13.47
N TYR B 89 -13.87 -2.26 -13.04
CA TYR B 89 -14.07 -1.66 -11.72
C TYR B 89 -13.61 -2.61 -10.59
N MET B 90 -14.03 -3.88 -10.67
CA MET B 90 -13.67 -4.86 -9.66
C MET B 90 -12.16 -5.05 -9.54
N LEU B 91 -11.44 -5.08 -10.66
CA LEU B 91 -9.98 -5.21 -10.63
C LEU B 91 -9.34 -3.98 -9.98
N THR B 92 -9.83 -2.81 -10.37
CA THR B 92 -9.41 -1.53 -9.82
C THR B 92 -9.67 -1.48 -8.30
N LEU B 93 -10.87 -1.86 -7.90
CA LEU B 93 -11.22 -1.95 -6.48
C LEU B 93 -10.26 -2.90 -5.75
N GLU B 94 -10.12 -4.11 -6.26
CA GLU B 94 -9.25 -5.10 -5.64
C GLU B 94 -7.80 -4.61 -5.53
N ASP B 95 -7.31 -3.94 -6.57
CA ASP B 95 -5.96 -3.38 -6.58
C ASP B 95 -5.73 -2.29 -5.52
N HIS B 96 -6.81 -1.73 -4.98
CA HIS B 96 -6.71 -0.71 -3.94
C HIS B 96 -6.86 -1.24 -2.53
N TYR B 97 -6.97 -2.55 -2.40
CA TYR B 97 -6.74 -3.21 -1.12
C TYR B 97 -5.24 -3.50 -1.11
N HIS B 98 -4.60 -3.39 0.04
CA HIS B 98 -3.15 -3.61 0.10
C HIS B 98 -2.81 -5.05 0.40
N ALA B 99 -2.01 -5.65 -0.47
CA ALA B 99 -1.57 -7.02 -0.28
C ALA B 99 -0.65 -7.18 0.96
N ASP B 100 0.04 -6.10 1.34
CA ASP B 100 0.95 -6.13 2.49
C ASP B 100 0.26 -5.97 3.88
N VAL B 101 -1.07 -5.88 3.89
CA VAL B 101 -1.83 -5.80 5.14
C VAL B 101 -2.33 -7.21 5.41
N ALA B 102 -2.10 -7.75 6.61
CA ALA B 102 -2.31 -9.18 6.84
C ALA B 102 -3.77 -9.62 6.89
N TYR B 103 -4.66 -8.73 7.36
CA TYR B 103 -6.08 -9.03 7.46
C TYR B 103 -6.93 -8.19 6.49
N HIS B 104 -6.79 -6.86 6.56
CA HIS B 104 -7.65 -5.97 5.77
C HIS B 104 -7.13 -5.83 4.32
N ASN B 105 -7.09 -6.98 3.64
CA ASN B 105 -6.73 -7.02 2.23
C ASN B 105 -7.97 -7.51 1.49
N SER B 106 -7.85 -7.75 0.18
CA SER B 106 -9.04 -8.02 -0.63
C SER B 106 -9.74 -9.34 -0.26
N LEU B 107 -8.99 -10.27 0.33
CA LEU B 107 -9.60 -11.54 0.79
C LEU B 107 -10.72 -11.30 1.82
N HIS B 108 -10.48 -10.35 2.74
CA HIS B 108 -11.48 -9.94 3.72
C HIS B 108 -12.68 -9.30 3.05
N ALA B 109 -12.43 -8.41 2.10
CA ALA B 109 -13.52 -7.83 1.31
C ALA B 109 -14.36 -8.93 0.65
N ALA B 110 -13.68 -9.86 -0.03
CA ALA B 110 -14.35 -10.96 -0.73
C ALA B 110 -15.22 -11.80 0.21
N ASP B 111 -14.65 -12.12 1.38
CA ASP B 111 -15.34 -12.88 2.42
C ASP B 111 -16.59 -12.17 2.95
N VAL B 112 -16.46 -10.89 3.28
CA VAL B 112 -17.61 -10.10 3.77
C VAL B 112 -18.72 -9.97 2.71
N LEU B 113 -18.31 -9.73 1.46
CA LEU B 113 -19.21 -9.72 0.32
C LEU B 113 -19.94 -11.06 0.15
N GLN B 114 -19.19 -12.16 0.17
CA GLN B 114 -19.79 -13.48 0.01
C GLN B 114 -20.73 -13.77 1.17
N SER B 115 -20.30 -13.44 2.39
CA SER B 115 -21.18 -13.66 3.55
C SER B 115 -22.46 -12.85 3.45
N THR B 116 -22.35 -11.60 2.99
CA THR B 116 -23.52 -10.73 2.77
C THR B 116 -24.48 -11.33 1.73
N HIS B 117 -23.91 -11.87 0.65
CA HIS B 117 -24.68 -12.59 -0.37
C HIS B 117 -25.52 -13.72 0.22
N VAL B 118 -24.92 -14.56 1.07
CA VAL B 118 -25.64 -15.63 1.74
C VAL B 118 -26.70 -15.06 2.70
N LEU B 119 -26.31 -14.06 3.51
CA LEU B 119 -27.25 -13.50 4.48
C LEU B 119 -28.47 -12.88 3.79
N LEU B 120 -28.25 -12.31 2.59
CA LEU B 120 -29.36 -11.73 1.83
C LEU B 120 -30.39 -12.80 1.44
N ALA B 121 -29.92 -14.03 1.25
CA ALA B 121 -30.75 -15.15 0.85
C ALA B 121 -31.53 -15.85 2.00
N THR B 122 -31.31 -15.42 3.25
CA THR B 122 -31.97 -16.04 4.41
C THR B 122 -33.50 -16.10 4.22
N PRO B 123 -34.12 -17.27 4.50
CA PRO B 123 -35.57 -17.45 4.25
C PRO B 123 -36.47 -16.39 4.90
N ALA B 124 -36.13 -15.94 6.11
CA ALA B 124 -36.90 -14.90 6.80
C ALA B 124 -36.93 -13.55 6.05
N LEU B 125 -36.01 -13.38 5.11
CA LEU B 125 -35.94 -12.14 4.35
C LEU B 125 -36.37 -12.30 2.88
N ASP B 126 -36.98 -13.44 2.55
CA ASP B 126 -37.40 -13.76 1.19
C ASP B 126 -38.32 -12.69 0.61
N ALA B 127 -37.91 -12.13 -0.53
CA ALA B 127 -38.70 -11.17 -1.28
C ALA B 127 -38.90 -9.82 -0.56
N VAL B 128 -38.14 -9.58 0.50
CA VAL B 128 -38.26 -8.31 1.22
C VAL B 128 -37.54 -7.18 0.47
N PHE B 129 -36.29 -7.41 0.04
CA PHE B 129 -35.48 -6.34 -0.53
C PHE B 129 -35.58 -6.28 -2.06
N THR B 130 -35.53 -5.06 -2.60
CA THR B 130 -35.50 -4.84 -4.04
C THR B 130 -34.11 -5.16 -4.58
N ASP B 131 -33.99 -5.32 -5.90
CA ASP B 131 -32.67 -5.57 -6.50
C ASP B 131 -31.72 -4.39 -6.26
N LEU B 132 -32.26 -3.19 -6.10
CA LEU B 132 -31.44 -1.99 -5.89
C LEU B 132 -30.84 -2.01 -4.49
N GLU B 133 -31.66 -2.42 -3.52
CA GLU B 133 -31.23 -2.58 -2.14
C GLU B 133 -30.18 -3.67 -2.02
N ILE B 134 -30.37 -4.74 -2.79
CA ILE B 134 -29.44 -5.86 -2.83
C ILE B 134 -28.12 -5.40 -3.46
N LEU B 135 -28.24 -4.69 -4.57
CA LEU B 135 -27.09 -4.10 -5.25
C LEU B 135 -26.26 -3.21 -4.29
N ALA B 136 -26.96 -2.34 -3.57
CA ALA B 136 -26.36 -1.46 -2.55
C ALA B 136 -25.59 -2.25 -1.47
N ALA B 137 -26.25 -3.27 -0.89
CA ALA B 137 -25.63 -4.12 0.14
C ALA B 137 -24.34 -4.78 -0.33
N LEU B 138 -24.37 -5.37 -1.52
CA LEU B 138 -23.20 -6.05 -2.07
C LEU B 138 -22.06 -5.11 -2.40
N PHE B 139 -22.37 -3.94 -2.95
CA PHE B 139 -21.37 -2.93 -3.27
C PHE B 139 -20.75 -2.37 -1.98
N ALA B 140 -21.59 -2.11 -0.99
CA ALA B 140 -21.14 -1.66 0.33
C ALA B 140 -20.13 -2.65 0.90
N ALA B 141 -20.48 -3.94 0.88
CA ALA B 141 -19.62 -5.01 1.40
C ALA B 141 -18.28 -5.12 0.67
N ALA B 142 -18.30 -4.98 -0.66
CA ALA B 142 -17.06 -5.03 -1.44
C ALA B 142 -16.09 -3.88 -1.20
N ILE B 143 -16.61 -2.67 -1.01
CA ILE B 143 -15.75 -1.49 -0.84
C ILE B 143 -15.45 -1.18 0.65
N HIS B 144 -16.13 -1.88 1.57
CA HIS B 144 -16.23 -1.44 2.98
C HIS B 144 -14.91 -1.22 3.73
N ASP B 145 -13.81 -1.81 3.24
CA ASP B 145 -12.47 -1.61 3.79
C ASP B 145 -11.40 -1.19 2.76
N VAL B 146 -11.80 -0.69 1.59
CA VAL B 146 -10.82 -0.36 0.54
C VAL B 146 -9.77 0.66 0.99
N ASP B 147 -8.53 0.43 0.56
CA ASP B 147 -7.38 1.27 0.95
C ASP B 147 -7.13 1.29 2.48
N HIS B 148 -7.44 0.18 3.16
CA HIS B 148 -7.15 0.08 4.59
C HIS B 148 -5.63 0.01 4.77
N PRO B 149 -5.05 0.87 5.64
CA PRO B 149 -3.60 0.91 5.81
C PRO B 149 -3.10 -0.10 6.85
N GLY B 150 -4.00 -0.84 7.49
CA GLY B 150 -3.59 -1.90 8.40
C GLY B 150 -3.32 -1.41 9.82
N VAL B 151 -3.79 -0.20 10.11
CA VAL B 151 -3.73 0.36 11.42
C VAL B 151 -5.12 0.92 11.74
N SER B 152 -5.45 0.99 13.04
CA SER B 152 -6.77 1.43 13.45
C SER B 152 -6.96 2.95 13.31
N ASN B 153 -8.22 3.41 13.40
CA ASN B 153 -8.53 4.84 13.50
C ASN B 153 -7.69 5.57 14.55
N GLN B 154 -7.57 5.00 15.75
CA GLN B 154 -6.85 5.64 16.86
C GLN B 154 -5.39 5.95 16.49
N PHE B 155 -4.73 5.01 15.80
CA PHE B 155 -3.36 5.22 15.29
C PHE B 155 -3.31 6.43 14.35
N LEU B 156 -4.29 6.54 13.45
CA LEU B 156 -4.32 7.69 12.53
C LEU B 156 -4.53 9.00 13.29
N ILE B 157 -5.42 8.94 14.30
CA ILE B 157 -5.66 10.12 15.16
C ILE B 157 -4.40 10.51 15.93
N ASN B 158 -3.74 9.52 16.55
CA ASN B 158 -2.56 9.80 17.40
C ASN B 158 -1.34 10.27 16.63
N THR B 159 -1.25 9.95 15.33
CA THR B 159 -0.13 10.41 14.50
C THR B 159 -0.39 11.73 13.83
N ASN B 160 -1.61 12.27 14.02
CA ASN B 160 -2.04 13.51 13.36
C ASN B 160 -2.04 13.36 11.84
N SER B 161 -2.40 12.19 11.35
CA SER B 161 -2.33 11.99 9.92
C SER B 161 -3.35 12.82 9.17
N GLU B 162 -3.05 13.04 7.89
CA GLU B 162 -3.89 13.80 6.99
C GLU B 162 -5.33 13.28 6.96
N LEU B 163 -5.49 11.95 7.01
CA LEU B 163 -6.82 11.36 6.97
C LEU B 163 -7.61 11.68 8.22
N ALA B 164 -6.98 11.61 9.39
CA ALA B 164 -7.69 11.95 10.64
C ALA B 164 -8.12 13.41 10.64
N LEU B 165 -7.24 14.27 10.14
CA LEU B 165 -7.57 15.68 10.00
C LEU B 165 -8.74 15.89 9.03
N MET B 166 -8.71 15.20 7.89
CA MET B 166 -9.74 15.30 6.85
C MET B 166 -11.13 14.97 7.40
N TYR B 167 -11.23 13.94 8.25
CA TYR B 167 -12.51 13.48 8.79
C TYR B 167 -12.77 13.82 10.25
N ASN B 168 -12.10 14.85 10.78
CA ASN B 168 -12.36 15.33 12.14
C ASN B 168 -12.29 14.23 13.19
N ASP B 169 -11.43 13.23 12.94
CA ASP B 169 -11.22 12.14 13.87
C ASP B 169 -12.42 11.21 14.00
N GLU B 170 -13.46 11.46 13.21
CA GLU B 170 -14.71 10.68 13.32
C GLU B 170 -14.83 9.66 12.20
N SER B 171 -14.91 8.38 12.59
CA SER B 171 -14.95 7.24 11.66
C SER B 171 -14.00 7.49 10.50
N VAL B 172 -12.73 7.75 10.83
CA VAL B 172 -11.76 8.18 9.84
C VAL B 172 -11.67 7.20 8.65
N LEU B 173 -11.41 5.93 8.95
CA LEU B 173 -11.21 4.92 7.93
C LEU B 173 -12.49 4.65 7.10
N GLU B 174 -13.63 4.57 7.79
CA GLU B 174 -14.91 4.26 7.16
C GLU B 174 -15.33 5.34 6.18
N ASN B 175 -15.15 6.61 6.56
CA ASN B 175 -15.28 7.73 5.62
C ASN B 175 -14.36 7.60 4.43
N HIS B 176 -13.09 7.22 4.68
CA HIS B 176 -12.13 7.09 3.59
C HIS B 176 -12.50 5.94 2.63
N HIS B 177 -12.95 4.81 3.18
CA HIS B 177 -13.32 3.66 2.33
C HIS B 177 -14.42 4.07 1.34
N LEU B 178 -15.43 4.78 1.84
CA LEU B 178 -16.50 5.33 1.02
C LEU B 178 -15.99 6.25 -0.08
N ALA B 179 -15.12 7.20 0.28
CA ALA B 179 -14.62 8.16 -0.71
C ALA B 179 -13.82 7.43 -1.78
N VAL B 180 -12.99 6.48 -1.37
CA VAL B 180 -12.19 5.73 -2.34
C VAL B 180 -13.08 4.85 -3.23
N GLY B 181 -13.99 4.09 -2.63
CA GLY B 181 -14.92 3.24 -3.38
C GLY B 181 -15.69 3.97 -4.48
N PHE B 182 -16.30 5.12 -4.15
CA PHE B 182 -17.04 5.91 -5.16
C PHE B 182 -16.13 6.63 -6.14
N LYS B 183 -14.99 7.12 -5.66
CA LYS B 183 -14.03 7.84 -6.51
C LYS B 183 -13.46 6.94 -7.62
N LEU B 184 -13.26 5.65 -7.29
CA LEU B 184 -12.75 4.71 -8.27
C LEU B 184 -13.71 4.46 -9.44
N LEU B 185 -14.99 4.82 -9.27
CA LEU B 185 -15.97 4.75 -10.35
C LEU B 185 -15.59 5.68 -11.52
N GLN B 186 -14.75 6.67 -11.22
CA GLN B 186 -14.38 7.68 -12.19
C GLN B 186 -13.13 7.32 -13.01
N GLU B 187 -12.42 6.25 -12.67
CA GLU B 187 -11.29 5.82 -13.49
C GLU B 187 -11.82 5.25 -14.81
N ASP B 188 -10.95 5.08 -15.78
CA ASP B 188 -11.39 4.70 -17.12
C ASP B 188 -12.20 3.39 -17.21
N ASN B 189 -13.43 3.52 -17.70
CA ASN B 189 -14.36 2.38 -17.89
C ASN B 189 -14.68 1.67 -16.56
N CYS B 190 -14.97 2.46 -15.52
CA CYS B 190 -15.23 1.94 -14.17
C CYS B 190 -16.60 2.30 -13.58
N ASP B 191 -17.40 3.07 -14.32
CA ASP B 191 -18.67 3.50 -13.76
C ASP B 191 -19.74 2.44 -13.95
N ILE B 192 -19.79 1.49 -13.03
CA ILE B 192 -20.75 0.41 -13.12
C ILE B 192 -22.19 0.91 -12.98
N PHE B 193 -22.36 2.12 -12.47
CA PHE B 193 -23.71 2.66 -12.25
C PHE B 193 -24.18 3.60 -13.38
N GLN B 194 -23.46 3.60 -14.51
CA GLN B 194 -23.73 4.56 -15.60
C GLN B 194 -25.18 4.50 -16.09
N ASN B 195 -25.78 3.31 -16.06
CA ASN B 195 -27.14 3.13 -16.56
C ASN B 195 -28.28 3.13 -15.54
N LEU B 196 -27.96 3.36 -14.26
CA LEU B 196 -28.97 3.62 -13.27
C LEU B 196 -29.53 5.01 -13.51
N SER B 197 -30.81 5.21 -13.26
CA SER B 197 -31.36 6.54 -13.25
C SER B 197 -30.73 7.35 -12.09
N LYS B 198 -30.90 8.66 -12.13
CA LYS B 198 -30.53 9.56 -11.05
C LYS B 198 -31.08 9.13 -9.66
N ARG B 199 -32.41 8.99 -9.53
CA ARG B 199 -33.01 8.54 -8.25
C ARG B 199 -32.38 7.23 -7.72
N GLN B 200 -32.08 6.32 -8.64
CA GLN B 200 -31.48 5.04 -8.30
C GLN B 200 -30.07 5.20 -7.72
N ARG B 201 -29.23 5.97 -8.42
CA ARG B 201 -27.88 6.28 -8.00
C ARG B 201 -27.86 6.96 -6.63
N GLN B 202 -28.79 7.88 -6.43
CA GLN B 202 -28.87 8.62 -5.17
C GLN B 202 -29.30 7.75 -3.99
N SER B 203 -30.29 6.89 -4.22
CA SER B 203 -30.80 5.97 -3.21
C SER B 203 -29.75 4.93 -2.83
N LEU B 204 -29.09 4.35 -3.82
CA LEU B 204 -27.98 3.42 -3.59
C LEU B 204 -26.84 4.06 -2.77
N ARG B 205 -26.42 5.26 -3.19
CA ARG B 205 -25.31 5.97 -2.56
C ARG B 205 -25.62 6.21 -1.09
N LYS B 206 -26.85 6.64 -0.82
CA LYS B 206 -27.31 6.91 0.53
C LYS B 206 -27.26 5.64 1.39
N MET B 207 -27.72 4.53 0.80
CA MET B 207 -27.72 3.25 1.48
C MET B 207 -26.30 2.75 1.75
N VAL B 208 -25.44 2.86 0.77
CA VAL B 208 -24.06 2.42 0.90
C VAL B 208 -23.32 3.20 1.98
N ILE B 209 -23.51 4.53 2.00
CA ILE B 209 -22.88 5.39 2.99
C ILE B 209 -23.29 4.93 4.40
N ASP B 210 -24.58 4.66 4.56
CA ASP B 210 -25.16 4.22 5.81
C ASP B 210 -24.53 2.88 6.24
N MET B 211 -24.47 1.91 5.35
CA MET B 211 -23.90 0.61 5.65
C MET B 211 -22.39 0.66 5.99
N VAL B 212 -21.59 1.39 5.21
CA VAL B 212 -20.13 1.40 5.46
C VAL B 212 -19.80 2.13 6.78
N LEU B 213 -20.51 3.22 7.05
CA LEU B 213 -20.29 3.96 8.30
C LEU B 213 -20.63 3.12 9.54
N ALA B 214 -21.63 2.26 9.40
CA ALA B 214 -22.02 1.34 10.47
C ALA B 214 -20.99 0.20 10.74
N THR B 215 -19.98 0.07 9.87
CA THR B 215 -18.91 -0.94 10.08
C THR B 215 -17.83 -0.46 11.07
N ASP B 216 -17.88 0.82 11.45
CA ASP B 216 -17.02 1.38 12.51
C ASP B 216 -17.35 0.74 13.87
N MET B 217 -16.41 -0.04 14.43
CA MET B 217 -16.60 -0.75 15.71
C MET B 217 -17.02 0.11 16.91
N SER B 218 -16.64 1.39 16.89
CA SER B 218 -17.10 2.34 17.91
C SER B 218 -18.63 2.56 17.90
N LYS B 219 -19.29 2.22 16.79
CA LYS B 219 -20.75 2.25 16.74
C LYS B 219 -21.40 0.92 17.13
N HIS B 220 -20.58 -0.09 17.45
CA HIS B 220 -21.14 -1.42 17.65
C HIS B 220 -22.22 -1.50 18.72
N MET B 221 -21.94 -0.98 19.91
CA MET B 221 -22.92 -1.02 21.03
C MET B 221 -24.23 -0.28 20.70
N THR B 222 -24.13 0.89 20.06
CA THR B 222 -25.31 1.62 19.61
C THR B 222 -26.11 0.75 18.63
N LEU B 223 -25.43 0.21 17.64
CA LEU B 223 -26.06 -0.64 16.64
C LEU B 223 -26.76 -1.83 17.27
N LEU B 224 -26.12 -2.51 18.22
CA LEU B 224 -26.73 -3.68 18.82
C LEU B 224 -28.00 -3.36 19.62
N ALA B 225 -27.94 -2.32 20.46
CA ALA B 225 -29.12 -1.86 21.23
C ALA B 225 -30.35 -1.53 20.36
N ASP B 226 -30.13 -0.84 19.24
CA ASP B 226 -31.20 -0.58 18.27
C ASP B 226 -31.71 -1.81 17.54
N LEU B 227 -30.81 -2.72 17.18
CA LEU B 227 -31.22 -3.99 16.62
C LEU B 227 -32.17 -4.71 17.59
N LYS B 228 -31.82 -4.68 18.87
CA LYS B 228 -32.64 -5.32 19.91
C LYS B 228 -34.06 -4.72 20.00
N THR B 229 -34.14 -3.40 20.01
CA THR B 229 -35.42 -2.69 20.03
C THR B 229 -36.30 -3.08 18.85
N MET B 230 -35.67 -3.12 17.68
CA MET B 230 -36.33 -3.52 16.45
C MET B 230 -36.85 -4.97 16.53
N VAL B 231 -36.03 -5.85 17.09
CA VAL B 231 -36.43 -7.26 17.23
C VAL B 231 -37.62 -7.44 18.17
N GLU B 232 -37.69 -6.60 19.22
CA GLU B 232 -38.79 -6.64 20.17
C GLU B 232 -40.18 -6.48 19.53
N THR B 233 -40.26 -5.66 18.48
CA THR B 233 -41.52 -5.36 17.82
C THR B 233 -41.52 -5.79 16.37
N LYS B 234 -40.79 -6.86 16.05
CA LYS B 234 -40.74 -7.36 14.67
C LYS B 234 -42.11 -7.89 14.23
N LYS B 235 -42.42 -7.74 12.95
CA LYS B 235 -43.64 -8.28 12.35
C LYS B 235 -43.32 -9.40 11.37
N VAL B 236 -43.96 -10.55 11.53
CA VAL B 236 -43.83 -11.66 10.59
C VAL B 236 -45.12 -11.88 9.80
N THR B 237 -44.99 -12.20 8.52
CA THR B 237 -46.16 -12.58 7.72
C THR B 237 -46.55 -14.02 8.03
N SER B 238 -47.58 -14.48 7.33
CA SER B 238 -48.10 -15.85 7.44
C SER B 238 -47.01 -16.93 7.68
N SER B 239 -46.01 -17.00 6.81
CA SER B 239 -45.02 -18.09 6.85
C SER B 239 -43.70 -17.74 7.55
N GLY B 240 -43.75 -16.73 8.42
CA GLY B 240 -42.59 -16.32 9.20
C GLY B 240 -41.54 -15.56 8.41
N VAL B 241 -41.99 -14.84 7.38
CA VAL B 241 -41.13 -13.94 6.62
C VAL B 241 -41.35 -12.55 7.16
N LEU B 242 -40.24 -11.82 7.36
CA LEU B 242 -40.25 -10.49 7.97
C LEU B 242 -40.99 -9.44 7.18
N LEU B 243 -41.66 -8.54 7.89
CA LEU B 243 -42.36 -7.43 7.28
C LEU B 243 -41.59 -6.15 7.57
N LEU B 244 -41.01 -5.57 6.53
CA LEU B 244 -40.29 -4.32 6.70
C LEU B 244 -40.99 -3.21 5.90
N ASP B 245 -41.88 -2.54 6.63
CA ASP B 245 -42.82 -1.53 6.13
C ASP B 245 -42.22 -0.31 5.47
N ASN B 246 -41.07 0.11 5.96
CA ASN B 246 -40.56 1.44 5.73
C ASN B 246 -39.05 1.41 5.49
N TYR B 247 -38.53 2.48 4.91
CA TYR B 247 -37.12 2.58 4.61
C TYR B 247 -36.29 2.36 5.87
N SER B 248 -36.63 3.11 6.90
CA SER B 248 -35.95 3.09 8.18
C SER B 248 -35.64 1.68 8.66
N ASP B 249 -36.64 0.80 8.64
CA ASP B 249 -36.46 -0.58 9.06
C ASP B 249 -35.61 -1.38 8.09
N ARG B 250 -35.77 -1.13 6.80
CA ARG B 250 -35.02 -1.86 5.78
C ARG B 250 -33.51 -1.57 5.83
N ILE B 251 -33.15 -0.31 5.98
CA ILE B 251 -31.75 0.06 6.04
C ILE B 251 -31.16 -0.40 7.39
N GLN B 252 -31.99 -0.41 8.45
CA GLN B 252 -31.53 -0.93 9.75
C GLN B 252 -31.10 -2.38 9.63
N VAL B 253 -31.93 -3.20 8.98
CA VAL B 253 -31.61 -4.60 8.73
C VAL B 253 -30.36 -4.72 7.87
N LEU B 254 -30.24 -3.90 6.84
CA LEU B 254 -29.10 -4.00 5.93
C LEU B 254 -27.79 -3.53 6.61
N ARG B 255 -27.84 -2.48 7.42
CA ARG B 255 -26.62 -2.03 8.11
C ARG B 255 -26.13 -3.07 9.12
N ASN B 256 -27.07 -3.74 9.77
CA ASN B 256 -26.75 -4.79 10.74
C ASN B 256 -26.26 -6.05 10.06
N MET B 257 -26.84 -6.33 8.90
CA MET B 257 -26.43 -7.48 8.12
C MET B 257 -24.98 -7.34 7.67
N VAL B 258 -24.59 -6.19 7.14
CA VAL B 258 -23.18 -5.98 6.74
C VAL B 258 -22.26 -6.04 7.97
N HIS B 259 -22.69 -5.44 9.08
CA HIS B 259 -21.96 -5.54 10.35
C HIS B 259 -21.76 -7.02 10.78
N CYS B 260 -22.84 -7.81 10.77
CA CYS B 260 -22.72 -9.24 11.09
C CYS B 260 -21.73 -9.91 10.15
N ALA B 261 -21.84 -9.63 8.86
CA ALA B 261 -20.92 -10.21 7.89
C ALA B 261 -19.46 -9.85 8.21
N ASP B 262 -19.23 -8.59 8.58
CA ASP B 262 -17.90 -8.12 8.98
C ASP B 262 -17.39 -8.89 10.21
N LEU B 263 -18.31 -9.19 11.12
CA LEU B 263 -18.00 -9.95 12.32
C LEU B 263 -18.42 -11.43 12.21
N SER B 264 -18.29 -12.01 11.02
CA SER B 264 -18.71 -13.39 10.78
C SER B 264 -17.60 -14.44 10.91
N ASN B 265 -16.34 -14.02 11.01
CA ASN B 265 -15.23 -14.97 11.13
C ASN B 265 -15.45 -16.07 12.19
N PRO B 266 -15.94 -15.73 13.40
CA PRO B 266 -16.05 -16.77 14.44
C PRO B 266 -17.23 -17.73 14.23
N THR B 267 -18.09 -17.41 13.26
CA THR B 267 -19.26 -18.22 12.95
C THR B 267 -18.97 -19.23 11.85
N LYS B 268 -17.77 -19.14 11.26
CA LYS B 268 -17.37 -20.04 10.17
C LYS B 268 -16.71 -21.32 10.71
N PRO B 269 -16.54 -22.36 9.84
CA PRO B 269 -15.89 -23.59 10.31
C PRO B 269 -14.53 -23.31 10.94
N LEU B 270 -14.25 -23.98 12.05
CA LEU B 270 -13.05 -23.71 12.84
C LEU B 270 -11.80 -23.53 11.98
N GLU B 271 -11.66 -24.34 10.94
CA GLU B 271 -10.46 -24.31 10.10
C GLU B 271 -10.24 -22.93 9.45
N LEU B 272 -11.34 -22.29 9.06
CA LEU B 272 -11.31 -20.99 8.43
C LEU B 272 -11.12 -19.92 9.49
N TYR B 273 -11.94 -19.99 10.54
CA TYR B 273 -11.87 -19.07 11.68
C TYR B 273 -10.46 -18.90 12.20
N ARG B 274 -9.71 -20.01 12.29
CA ARG B 274 -8.35 -19.95 12.79
C ARG B 274 -7.39 -19.20 11.88
N GLN B 275 -7.64 -19.26 10.57
CA GLN B 275 -6.85 -18.50 9.62
C GLN B 275 -7.14 -16.99 9.75
N TRP B 276 -8.40 -16.63 9.93
CA TRP B 276 -8.79 -15.23 10.17
C TRP B 276 -8.15 -14.67 11.45
N THR B 277 -8.13 -15.49 12.51
CA THR B 277 -7.50 -15.11 13.78
C THR B 277 -6.01 -14.83 13.63
N ASP B 278 -5.27 -15.73 12.96
CA ASP B 278 -3.84 -15.52 12.74
C ASP B 278 -3.59 -14.20 12.01
N ARG B 279 -4.46 -13.92 11.05
CA ARG B 279 -4.33 -12.75 10.19
C ARG B 279 -4.56 -11.46 10.98
N ILE B 280 -5.66 -11.39 11.74
CA ILE B 280 -5.93 -10.17 12.53
C ILE B 280 -4.83 -9.90 13.57
N MET B 281 -4.33 -10.95 14.22
CA MET B 281 -3.28 -10.80 15.22
C MET B 281 -1.96 -10.37 14.58
N ALA B 282 -1.65 -10.91 13.40
CA ALA B 282 -0.47 -10.41 12.69
C ALA B 282 -0.59 -8.90 12.42
N GLU B 283 -1.76 -8.46 11.96
CA GLU B 283 -2.01 -7.05 11.67
C GLU B 283 -1.95 -6.18 12.93
N PHE B 284 -2.65 -6.59 13.98
CA PHE B 284 -2.60 -5.92 15.28
C PHE B 284 -1.16 -5.86 15.83
N PHE B 285 -0.43 -6.98 15.77
CA PHE B 285 0.94 -7.04 16.32
C PHE B 285 1.89 -6.11 15.57
N GLN B 286 1.74 -6.03 14.25
CA GLN B 286 2.52 -5.10 13.47
C GLN B 286 2.20 -3.63 13.81
N GLN B 287 0.93 -3.34 14.09
CA GLN B 287 0.57 -1.99 14.55
C GLN B 287 1.22 -1.68 15.89
N GLY B 288 1.11 -2.62 16.82
CA GLY B 288 1.74 -2.49 18.12
C GLY B 288 3.24 -2.25 18.02
N ASP B 289 3.91 -2.97 17.10
CA ASP B 289 5.36 -2.76 16.86
C ASP B 289 5.64 -1.36 16.35
N ARG B 290 4.77 -0.86 15.48
CA ARG B 290 4.99 0.48 14.93
C ARG B 290 4.77 1.52 16.01
N GLU B 291 3.73 1.34 16.81
CA GLU B 291 3.48 2.16 17.99
C GLU B 291 4.67 2.19 18.97
N ARG B 292 5.25 1.01 19.25
CA ARG B 292 6.40 0.94 20.14
C ARG B 292 7.59 1.69 19.56
N GLU B 293 7.92 1.46 18.29
CA GLU B 293 9.01 2.20 17.63
C GLU B 293 8.83 3.73 17.72
N ARG B 294 7.57 4.20 17.60
CA ARG B 294 7.31 5.64 17.54
C ARG B 294 7.09 6.31 18.90
N GLY B 295 7.25 5.55 19.98
CA GLY B 295 7.05 6.08 21.35
C GLY B 295 5.59 6.37 21.71
N MET B 296 4.66 5.66 21.05
CA MET B 296 3.22 5.83 21.26
C MET B 296 2.69 4.80 22.24
N GLU B 297 1.52 5.10 22.81
CA GLU B 297 0.80 4.09 23.59
C GLU B 297 0.44 2.93 22.67
N ILE B 298 0.70 1.71 23.14
CA ILE B 298 0.34 0.52 22.38
C ILE B 298 -1.16 0.23 22.53
N SER B 299 -1.85 0.12 21.40
CA SER B 299 -3.29 -0.08 21.39
C SER B 299 -3.65 -1.43 22.00
N PRO B 300 -4.92 -1.59 22.44
CA PRO B 300 -5.44 -2.82 23.04
C PRO B 300 -5.21 -4.03 22.15
N MET B 301 -4.73 -5.11 22.74
CA MET B 301 -4.39 -6.35 22.02
C MET B 301 -3.32 -6.27 20.93
N CYS B 302 -2.62 -5.13 20.83
CA CYS B 302 -1.57 -4.95 19.81
C CYS B 302 -0.14 -5.24 20.31
N ASP B 303 0.00 -5.58 21.59
CA ASP B 303 1.30 -5.88 22.20
C ASP B 303 1.57 -7.38 22.20
N LYS B 304 2.46 -7.81 21.32
CA LYS B 304 2.76 -9.24 21.15
C LYS B 304 3.37 -9.89 22.39
N HIS B 305 4.02 -9.09 23.24
CA HIS B 305 4.68 -9.61 24.45
C HIS B 305 3.70 -10.00 25.55
N THR B 306 2.50 -9.42 25.53
CA THR B 306 1.53 -9.64 26.58
C THR B 306 0.16 -10.15 26.11
N ALA B 307 -0.10 -10.12 24.80
CA ALA B 307 -1.44 -10.48 24.30
C ALA B 307 -1.56 -11.99 24.18
N SER B 308 -2.74 -12.51 24.52
CA SER B 308 -3.02 -13.90 24.30
C SER B 308 -4.01 -14.01 23.16
N VAL B 309 -3.59 -14.70 22.10
CA VAL B 309 -4.43 -14.95 20.93
C VAL B 309 -5.74 -15.64 21.30
N GLU B 310 -5.66 -16.69 22.10
CA GLU B 310 -6.84 -17.49 22.43
C GLU B 310 -7.79 -16.77 23.38
N LYS B 311 -7.25 -16.11 24.41
CA LYS B 311 -8.09 -15.38 25.37
C LYS B 311 -8.79 -14.21 24.72
N SER B 312 -8.10 -13.53 23.81
CA SER B 312 -8.67 -12.41 23.11
C SER B 312 -9.88 -12.87 22.28
N GLN B 313 -9.79 -14.03 21.65
CA GLN B 313 -10.92 -14.53 20.84
C GLN B 313 -12.10 -14.90 21.70
N VAL B 314 -11.84 -15.61 22.81
CA VAL B 314 -12.89 -15.92 23.79
C VAL B 314 -13.63 -14.64 24.24
N GLY B 315 -12.88 -13.64 24.68
CA GLY B 315 -13.49 -12.36 25.13
C GLY B 315 -14.27 -11.68 24.00
N PHE B 316 -13.69 -11.71 22.79
CA PHE B 316 -14.29 -11.18 21.57
C PHE B 316 -15.63 -11.81 21.27
N ILE B 317 -15.68 -13.14 21.32
CA ILE B 317 -16.94 -13.83 21.12
C ILE B 317 -17.92 -13.50 22.23
N ASP B 318 -17.48 -13.57 23.50
CA ASP B 318 -18.40 -13.50 24.65
C ASP B 318 -19.08 -12.15 24.73
N TYR B 319 -18.36 -11.09 24.36
CA TYR B 319 -18.84 -9.74 24.61
CA TYR B 319 -18.77 -9.70 24.62
C TYR B 319 -19.26 -8.96 23.39
N ILE B 320 -18.75 -9.34 22.22
CA ILE B 320 -19.08 -8.68 20.97
C ILE B 320 -19.84 -9.59 19.99
N VAL B 321 -19.24 -10.71 19.64
CA VAL B 321 -19.71 -11.50 18.49
C VAL B 321 -20.97 -12.33 18.79
N HIS B 322 -20.98 -13.04 19.92
CA HIS B 322 -22.15 -13.82 20.27
C HIS B 322 -23.39 -12.95 20.59
N PRO B 323 -23.24 -11.86 21.38
CA PRO B 323 -24.44 -11.06 21.62
C PRO B 323 -25.02 -10.47 20.34
N LEU B 324 -24.16 -10.13 19.37
CA LEU B 324 -24.61 -9.65 18.05
C LEU B 324 -25.39 -10.71 17.25
N TRP B 325 -24.76 -11.87 17.04
CA TRP B 325 -25.37 -12.98 16.32
C TRP B 325 -26.63 -13.58 17.00
N GLU B 326 -26.67 -13.53 18.33
CA GLU B 326 -27.82 -14.04 19.07
C GLU B 326 -29.04 -13.18 18.73
N THR B 327 -28.81 -11.87 18.64
CA THR B 327 -29.86 -10.91 18.31
C THR B 327 -30.28 -11.05 16.85
N TRP B 328 -29.30 -11.36 15.99
CA TRP B 328 -29.57 -11.55 14.56
C TRP B 328 -30.39 -12.82 14.36
N ALA B 329 -30.02 -13.91 15.05
CA ALA B 329 -30.73 -15.18 14.99
C ALA B 329 -32.17 -15.03 15.44
N ASP B 330 -32.38 -14.19 16.45
CA ASP B 330 -33.70 -13.78 16.88
C ASP B 330 -34.52 -13.08 15.81
N LEU B 331 -33.85 -12.21 15.05
CA LEU B 331 -34.53 -11.48 13.99
C LEU B 331 -35.07 -12.43 12.93
N VAL B 332 -34.23 -13.36 12.49
CA VAL B 332 -34.51 -14.26 11.37
C VAL B 332 -34.85 -15.69 11.80
N HIS B 333 -35.32 -15.85 13.03
CA HIS B 333 -35.60 -17.17 13.62
C HIS B 333 -36.52 -17.99 12.71
N PRO B 334 -36.16 -19.28 12.44
CA PRO B 334 -35.04 -20.03 13.02
C PRO B 334 -33.76 -20.11 12.16
N ASP B 335 -33.64 -19.25 11.14
CA ASP B 335 -32.64 -19.44 10.07
C ASP B 335 -31.16 -19.46 10.49
N ALA B 336 -30.82 -18.82 11.60
CA ALA B 336 -29.40 -18.70 11.95
C ALA B 336 -29.00 -19.55 13.15
N GLN B 337 -29.77 -20.60 13.42
CA GLN B 337 -29.50 -21.49 14.55
C GLN B 337 -28.15 -22.18 14.42
N GLU B 338 -27.88 -22.70 13.24
CA GLU B 338 -26.64 -23.40 12.96
C GLU B 338 -25.42 -22.52 13.22
N ILE B 339 -25.46 -21.28 12.72
CA ILE B 339 -24.39 -20.30 12.93
C ILE B 339 -24.06 -20.12 14.41
N LEU B 340 -25.11 -20.07 15.22
CA LEU B 340 -25.01 -19.86 16.65
C LEU B 340 -24.37 -21.06 17.36
N ASP B 341 -24.73 -22.26 16.90
CA ASP B 341 -24.15 -23.51 17.41
C ASP B 341 -22.67 -23.56 17.08
N THR B 342 -22.34 -23.19 15.85
CA THR B 342 -20.95 -23.17 15.40
C THR B 342 -20.15 -22.17 16.25
N LEU B 343 -20.77 -21.04 16.51
CA LEU B 343 -20.19 -19.99 17.29
C LEU B 343 -19.93 -20.47 18.71
N GLU B 344 -20.87 -21.21 19.28
CA GLU B 344 -20.65 -21.80 20.59
C GLU B 344 -19.53 -22.85 20.62
N ASP B 345 -19.43 -23.68 19.57
CA ASP B 345 -18.35 -24.68 19.47
C ASP B 345 -16.98 -24.02 19.34
N ASN B 346 -16.94 -22.91 18.60
CA ASN B 346 -15.67 -22.21 18.36
C ASN B 346 -15.19 -21.50 19.61
N ARG B 347 -16.11 -20.88 20.34
CA ARG B 347 -15.78 -20.31 21.63
C ARG B 347 -15.15 -21.37 22.53
N ASP B 348 -15.81 -22.52 22.61
CA ASP B 348 -15.30 -23.61 23.42
C ASP B 348 -13.92 -24.09 22.98
N TRP B 349 -13.67 -24.13 21.67
CA TRP B 349 -12.34 -24.54 21.21
C TRP B 349 -11.25 -23.58 21.69
N TYR B 350 -11.47 -22.28 21.50
CA TYR B 350 -10.49 -21.29 21.94
C TYR B 350 -10.33 -21.26 23.47
N TYR B 351 -11.43 -21.49 24.16
CA TYR B 351 -11.45 -21.55 25.63
C TYR B 351 -10.61 -22.71 26.16
N SER B 352 -10.67 -23.85 25.46
CA SER B 352 -9.91 -25.06 25.83
C SER B 352 -8.46 -25.03 25.39
N ALA B 353 -8.17 -24.29 24.32
CA ALA B 353 -6.81 -24.22 23.77
C ALA B 353 -5.92 -23.35 24.66
N ILE B 354 -6.55 -22.65 25.59
CA ILE B 354 -5.84 -21.83 26.57
C ILE B 354 -4.86 -22.72 27.37
#